data_6W4R
#
_entry.id   6W4R
#
_cell.length_a   49.719
_cell.length_b   105.624
_cell.length_c   194.105
_cell.angle_alpha   90.000
_cell.angle_beta   90.000
_cell.angle_gamma   90.000
#
_symmetry.space_group_name_H-M   'P 21 21 21'
#
loop_
_entity.id
_entity.type
_entity.pdbx_description
1 polymer 'Tyrosyl-DNA phosphodiesterase 1'
2 non-polymer '3[N-MORPHOLINO]PROPANE SULFONIC ACID'
3 non-polymer '4-{[2-(2-hydroxyphenyl)imidazo[1,2-a]pyrazin-3-yl]amino}benzene-1,2-dicarboxylic acid'
4 non-polymer 1,2-ETHANEDIOL
5 water water
#
_entity_poly.entity_id   1
_entity_poly.type   'polypeptide(L)'
_entity_poly.pdbx_seq_one_letter_code
;SGEGQDIWDMLDKGNPFQFYLTRVSGVKPKYNSGALHIKDILSPLFGTLVSSAQFNYCFDVDWLVKQYPPEFRKKPILLV
HGDKREAKAHLHAQAKPYENISLCQAKLDIAFGTHHTKMMLLLYEEGLRVVIHTSNLIHADWHQKTQGIWLSPLYPRIAD
GTHKSGESPTHFKADLISYLMAYNAPSLKEWIDVIHKHDLSETNVYLIGSTPGRFQGSQKDNWGHFRLKKLLKDHASSMP
NAESWPVVGQFSSVGSLGADESKWLCSEFKESMLTLGKESKTPGKSSVPLYLIYPSVENVRTSLEGYPAGGSLPYSIQTA
EKQNWLHSYFHKWSAETSGRSNAMPHIKTYMRPSPDFSKIAWFLVTSANLSKAAWGALEKNGTQLMIRSYELGVLFLPSA
FGLDSFKVKQKFFAGSQEPMATFPVPYDLPPELYGSKDRPWIWNIPYVKAPDTHGNMWVPS
;
_entity_poly.pdbx_strand_id   A,B
#
# COMPACT_ATOMS: atom_id res chain seq x y z
N ASN A 15 -14.65 16.61 10.40
CA ASN A 15 -14.45 15.81 9.20
C ASN A 15 -12.99 15.45 8.98
N PRO A 16 -12.72 14.19 8.68
CA PRO A 16 -11.39 13.81 8.16
C PRO A 16 -11.25 13.93 6.65
N PHE A 17 -12.31 14.33 5.93
CA PHE A 17 -12.26 14.16 4.48
C PHE A 17 -11.62 15.33 3.77
N GLN A 18 -11.72 16.55 4.32
CA GLN A 18 -11.11 17.73 3.70
C GLN A 18 -11.60 17.90 2.26
N PHE A 19 -12.88 17.65 2.07
CA PHE A 19 -13.54 17.89 0.80
C PHE A 19 -14.36 19.16 0.94
N TYR A 20 -14.09 20.12 0.06
CA TYR A 20 -14.72 21.44 0.13
C TYR A 20 -15.35 21.80 -1.21
N LEU A 21 -16.32 22.70 -1.16
CA LEU A 21 -16.82 23.37 -2.34
C LEU A 21 -16.25 24.79 -2.39
N THR A 22 -16.14 25.35 -3.59
CA THR A 22 -15.79 26.75 -3.73
C THR A 22 -16.95 27.63 -3.29
N ARG A 23 -16.62 28.87 -2.92
CA ARG A 23 -17.61 29.86 -2.55
C ARG A 23 -18.46 30.22 -3.76
N VAL A 24 -19.76 30.44 -3.53
CA VAL A 24 -20.69 30.86 -4.57
C VAL A 24 -21.26 32.22 -4.21
N SER A 25 -21.01 33.20 -5.07
CA SER A 25 -21.57 34.54 -4.85
C SER A 25 -23.07 34.53 -5.11
N GLY A 26 -23.87 34.91 -4.11
CA GLY A 26 -25.31 35.00 -4.30
C GLY A 26 -26.13 33.98 -3.54
N VAL A 27 -25.52 33.04 -2.84
CA VAL A 27 -26.26 32.18 -1.94
C VAL A 27 -26.11 32.76 -0.54
N LYS A 28 -26.99 32.34 0.38
CA LYS A 28 -26.97 32.87 1.73
C LYS A 28 -25.67 32.45 2.43
N PRO A 29 -25.15 33.29 3.34
CA PRO A 29 -23.93 32.94 4.10
C PRO A 29 -23.89 31.51 4.63
N LYS A 30 -25.04 30.96 5.05
CA LYS A 30 -25.08 29.59 5.55
C LYS A 30 -24.48 28.60 4.55
N TYR A 31 -24.64 28.85 3.26
CA TYR A 31 -24.16 27.92 2.24
C TYR A 31 -22.71 28.19 1.82
N ASN A 32 -22.06 29.19 2.39
CA ASN A 32 -20.65 29.45 2.14
C ASN A 32 -19.80 29.26 3.38
N SER A 33 -20.42 28.91 4.51
CA SER A 33 -19.71 28.90 5.79
C SER A 33 -18.44 28.05 5.69
N GLY A 34 -18.56 26.81 5.25
CA GLY A 34 -17.39 25.97 5.09
C GLY A 34 -16.84 25.84 3.68
N ALA A 35 -17.12 26.80 2.82
CA ALA A 35 -16.61 26.78 1.46
C ALA A 35 -15.30 27.54 1.39
N LEU A 36 -14.56 27.37 0.29
CA LEU A 36 -13.26 28.00 0.16
C LEU A 36 -13.18 28.77 -1.14
N HIS A 37 -12.76 30.02 -1.04
CA HIS A 37 -12.36 30.77 -2.23
C HIS A 37 -10.87 30.54 -2.46
N ILE A 38 -10.42 30.80 -3.69
CA ILE A 38 -9.00 30.64 -3.99
C ILE A 38 -8.16 31.55 -3.09
N LYS A 39 -8.67 32.73 -2.76
CA LYS A 39 -7.94 33.60 -1.83
C LYS A 39 -7.78 32.94 -0.47
N ASP A 40 -8.78 32.15 -0.04
CA ASP A 40 -8.64 31.42 1.23
C ASP A 40 -7.54 30.36 1.15
N ILE A 41 -7.48 29.63 0.03
CA ILE A 41 -6.50 28.56 -0.14
C ILE A 41 -5.08 29.13 -0.12
N LEU A 42 -4.88 30.29 -0.74
CA LEU A 42 -3.55 30.88 -0.83
C LEU A 42 -3.20 31.80 0.35
N SER A 43 -4.09 31.90 1.34
N SER A 43 -4.09 31.91 1.33
CA SER A 43 -3.89 32.84 2.44
CA SER A 43 -3.89 32.87 2.42
C SER A 43 -2.66 32.47 3.27
C SER A 43 -2.72 32.45 3.31
N PRO A 44 -2.04 33.44 3.94
N PRO A 44 -2.01 33.40 3.92
CA PRO A 44 -0.93 33.11 4.85
CA PRO A 44 -0.92 33.03 4.82
C PRO A 44 -1.36 32.18 5.98
C PRO A 44 -1.35 32.16 5.98
N LEU A 45 -2.65 32.13 6.32
CA LEU A 45 -3.12 31.22 7.34
C LEU A 45 -2.87 29.75 6.98
N PHE A 46 -2.75 29.44 5.68
CA PHE A 46 -2.52 28.08 5.24
C PHE A 46 -1.04 27.72 5.18
N GLY A 47 -0.18 28.71 5.19
CA GLY A 47 1.25 28.48 5.15
C GLY A 47 1.95 29.68 4.54
N THR A 48 3.23 29.81 4.86
CA THR A 48 4.08 30.89 4.35
C THR A 48 4.68 30.46 3.03
N LEU A 49 4.11 30.97 1.94
CA LEU A 49 4.42 30.46 0.61
C LEU A 49 5.84 30.81 0.18
N VAL A 50 6.57 29.77 -0.22
N VAL A 50 6.55 29.83 -0.38
CA VAL A 50 7.87 29.90 -0.86
CA VAL A 50 7.83 30.12 -1.01
C VAL A 50 7.73 29.88 -2.37
C VAL A 50 7.87 29.76 -2.49
N SER A 51 7.01 28.90 -2.91
N SER A 51 7.00 28.88 -2.97
CA SER A 51 6.76 28.79 -4.34
CA SER A 51 6.91 28.54 -4.38
C SER A 51 5.50 27.96 -4.54
C SER A 51 5.63 27.76 -4.60
N SER A 52 5.03 27.91 -5.78
CA SER A 52 3.81 27.18 -6.09
C SER A 52 3.85 26.71 -7.54
N ALA A 53 3.16 25.60 -7.80
CA ALA A 53 2.88 25.14 -9.14
C ALA A 53 1.37 25.12 -9.33
N GLN A 54 0.90 25.67 -10.44
CA GLN A 54 -0.53 25.72 -10.77
C GLN A 54 -0.74 24.90 -12.03
N PHE A 55 -1.23 23.67 -11.86
CA PHE A 55 -1.61 22.80 -12.97
C PHE A 55 -3.02 23.16 -13.39
N ASN A 56 -3.26 23.41 -14.68
CA ASN A 56 -4.64 23.73 -15.05
C ASN A 56 -4.82 23.64 -16.57
N TYR A 57 -6.04 23.97 -16.99
CA TYR A 57 -6.40 24.05 -18.40
C TYR A 57 -6.36 25.49 -18.91
N CYS A 58 -7.15 26.37 -18.28
CA CYS A 58 -7.32 27.75 -18.70
C CYS A 58 -6.82 28.67 -17.57
N PHE A 59 -6.13 29.75 -17.93
CA PHE A 59 -5.54 30.68 -16.97
C PHE A 59 -5.86 32.12 -17.34
N ASP A 60 -6.21 32.93 -16.34
CA ASP A 60 -6.20 34.39 -16.45
C ASP A 60 -5.09 34.84 -15.51
N VAL A 61 -3.90 35.08 -16.07
CA VAL A 61 -2.71 35.26 -15.25
C VAL A 61 -2.82 36.52 -14.40
N ASP A 62 -3.35 37.61 -14.98
N ASP A 62 -3.36 37.60 -14.97
CA ASP A 62 -3.57 38.83 -14.22
CA ASP A 62 -3.56 38.83 -14.22
C ASP A 62 -4.45 38.57 -13.01
C ASP A 62 -4.47 38.59 -13.02
N TRP A 63 -5.58 37.88 -13.23
CA TRP A 63 -6.47 37.53 -12.13
C TRP A 63 -5.77 36.63 -11.13
N LEU A 64 -5.08 35.60 -11.62
CA LEU A 64 -4.45 34.62 -10.75
C LEU A 64 -3.48 35.27 -9.77
N VAL A 65 -2.63 36.17 -10.26
CA VAL A 65 -1.63 36.76 -9.37
C VAL A 65 -2.31 37.58 -8.27
N LYS A 66 -3.44 38.23 -8.59
CA LYS A 66 -4.20 38.97 -7.58
C LYS A 66 -4.84 38.07 -6.51
N GLN A 67 -4.96 36.76 -6.76
CA GLN A 67 -5.50 35.85 -5.73
C GLN A 67 -4.46 35.46 -4.69
N TYR A 68 -3.18 35.57 -5.01
CA TYR A 68 -2.15 35.38 -4.00
C TYR A 68 -2.12 36.57 -3.05
N PRO A 69 -1.74 36.38 -1.80
CA PRO A 69 -1.63 37.50 -0.89
C PRO A 69 -0.58 38.48 -1.39
N PRO A 70 -0.75 39.78 -1.16
CA PRO A 70 0.22 40.75 -1.67
C PRO A 70 1.66 40.37 -1.36
N GLU A 71 1.92 39.91 -0.14
CA GLU A 71 3.28 39.59 0.27
C GLU A 71 3.85 38.36 -0.42
N PHE A 72 3.02 37.55 -1.09
CA PHE A 72 3.50 36.36 -1.78
C PHE A 72 3.50 36.50 -3.29
N ARG A 73 3.11 37.66 -3.85
CA ARG A 73 2.86 37.77 -5.28
C ARG A 73 4.12 37.70 -6.13
N LYS A 74 5.29 37.81 -5.54
CA LYS A 74 6.54 37.70 -6.29
C LYS A 74 7.23 36.35 -6.10
N LYS A 75 6.69 35.48 -5.25
CA LYS A 75 7.24 34.14 -5.12
C LYS A 75 7.10 33.40 -6.45
N PRO A 76 8.01 32.47 -6.75
CA PRO A 76 7.95 31.78 -8.04
C PRO A 76 6.64 31.02 -8.21
N ILE A 77 6.12 31.04 -9.44
CA ILE A 77 4.92 30.29 -9.84
C ILE A 77 5.25 29.55 -11.14
N LEU A 78 4.93 28.27 -11.18
CA LEU A 78 5.00 27.47 -12.40
C LEU A 78 3.57 27.21 -12.89
N LEU A 79 3.28 27.59 -14.14
CA LEU A 79 2.00 27.26 -14.76
C LEU A 79 2.18 26.02 -15.63
N VAL A 80 1.47 24.95 -15.31
CA VAL A 80 1.55 23.71 -16.10
C VAL A 80 0.30 23.64 -16.95
N HIS A 81 0.49 23.62 -18.27
CA HIS A 81 -0.60 23.76 -19.23
C HIS A 81 -0.36 22.83 -20.41
N GLY A 82 -1.33 22.77 -21.32
CA GLY A 82 -1.16 21.93 -22.50
C GLY A 82 -1.32 22.68 -23.82
N ASP A 83 -1.26 24.01 -23.78
CA ASP A 83 -1.54 24.82 -24.96
C ASP A 83 -0.41 24.73 -26.00
N LYS A 84 -0.78 24.87 -27.27
CA LYS A 84 0.16 24.78 -28.38
C LYS A 84 -0.01 25.98 -29.29
N ARG A 85 1.00 26.22 -30.14
CA ARG A 85 0.93 27.18 -31.26
C ARG A 85 0.42 28.53 -30.74
N GLU A 86 -0.63 29.12 -31.33
CA GLU A 86 -1.03 30.48 -30.95
C GLU A 86 -1.59 30.57 -29.54
N ALA A 87 -2.29 29.53 -29.08
CA ALA A 87 -2.74 29.48 -27.69
C ALA A 87 -1.56 29.52 -26.73
N LYS A 88 -0.51 28.76 -27.03
CA LYS A 88 0.70 28.79 -26.22
C LYS A 88 1.31 30.18 -26.22
N ALA A 89 1.40 30.80 -27.40
CA ALA A 89 1.93 32.15 -27.46
C ALA A 89 1.12 33.12 -26.60
N HIS A 90 -0.22 33.00 -26.66
CA HIS A 90 -1.05 33.92 -25.87
C HIS A 90 -0.80 33.75 -24.38
N LEU A 91 -0.63 32.50 -23.92
CA LEU A 91 -0.39 32.29 -22.51
C LEU A 91 0.96 32.86 -22.08
N HIS A 92 2.00 32.65 -22.89
CA HIS A 92 3.28 33.27 -22.60
C HIS A 92 3.17 34.78 -22.54
N ALA A 93 2.37 35.38 -23.42
CA ALA A 93 2.21 36.84 -23.40
C ALA A 93 1.53 37.29 -22.11
N GLN A 94 0.53 36.53 -21.66
CA GLN A 94 -0.12 36.84 -20.38
C GLN A 94 0.87 36.86 -19.24
N ALA A 95 1.82 35.92 -19.25
CA ALA A 95 2.73 35.72 -18.13
C ALA A 95 4.00 36.56 -18.21
N LYS A 96 4.37 37.02 -19.41
CA LYS A 96 5.61 37.79 -19.56
C LYS A 96 5.72 39.02 -18.65
N PRO A 97 4.67 39.77 -18.34
CA PRO A 97 4.82 40.87 -17.39
C PRO A 97 5.27 40.45 -16.01
N TYR A 98 5.16 39.16 -15.66
CA TYR A 98 5.46 38.67 -14.32
C TYR A 98 6.74 37.84 -14.39
N GLU A 99 7.85 38.43 -13.93
CA GLU A 99 9.15 37.77 -14.08
C GLU A 99 9.26 36.49 -13.25
N ASN A 100 8.47 36.37 -12.18
CA ASN A 100 8.51 35.20 -11.30
C ASN A 100 7.70 34.00 -11.84
N ILE A 101 7.04 34.13 -12.99
CA ILE A 101 6.19 33.07 -13.51
C ILE A 101 6.92 32.31 -14.60
N SER A 102 7.04 31.00 -14.42
N SER A 102 7.03 30.99 -14.43
CA SER A 102 7.56 30.08 -15.42
CA SER A 102 7.55 30.10 -15.45
C SER A 102 6.42 29.21 -15.94
C SER A 102 6.43 29.19 -15.94
N LEU A 103 6.64 28.59 -17.10
CA LEU A 103 5.62 27.78 -17.74
C LEU A 103 6.17 26.43 -18.16
N CYS A 104 5.31 25.42 -18.07
CA CYS A 104 5.61 24.05 -18.46
C CYS A 104 4.53 23.60 -19.42
N GLN A 105 4.91 23.30 -20.67
CA GLN A 105 3.96 22.81 -21.66
C GLN A 105 3.91 21.29 -21.57
N ALA A 106 2.80 20.76 -21.07
CA ALA A 106 2.64 19.32 -21.01
C ALA A 106 2.53 18.75 -22.41
N LYS A 107 3.35 17.76 -22.73
CA LYS A 107 3.29 17.15 -24.05
C LYS A 107 1.95 16.45 -24.24
N LEU A 108 1.36 16.65 -25.41
CA LEU A 108 0.08 16.06 -25.77
C LEU A 108 0.29 15.42 -27.14
N ASP A 109 0.95 14.26 -27.16
CA ASP A 109 1.43 13.60 -28.37
C ASP A 109 0.37 12.73 -29.04
N ILE A 110 -0.80 12.58 -28.43
CA ILE A 110 -1.92 11.88 -29.05
C ILE A 110 -2.97 12.91 -29.44
N ALA A 111 -3.54 12.74 -30.64
CA ALA A 111 -4.44 13.76 -31.16
C ALA A 111 -5.64 13.95 -30.24
N PHE A 112 -6.10 15.21 -30.15
CA PHE A 112 -7.33 15.57 -29.45
C PHE A 112 -7.23 15.33 -27.94
N GLY A 113 -6.03 15.45 -27.39
CA GLY A 113 -5.85 15.40 -25.96
C GLY A 113 -5.85 16.79 -25.33
N THR A 114 -6.08 16.81 -24.03
CA THR A 114 -6.22 18.05 -23.28
C THR A 114 -5.47 17.89 -21.97
N HIS A 115 -4.84 18.97 -21.49
CA HIS A 115 -4.31 18.95 -20.13
C HIS A 115 -5.38 19.52 -19.21
N HIS A 116 -6.20 18.62 -18.66
CA HIS A 116 -7.35 19.00 -17.83
C HIS A 116 -7.04 19.08 -16.34
N THR A 117 -5.97 18.43 -15.88
CA THR A 117 -5.65 18.31 -14.46
C THR A 117 -5.62 19.67 -13.78
N LYS A 118 -6.28 19.77 -12.61
CA LYS A 118 -6.31 21.00 -11.83
C LYS A 118 -5.75 20.70 -10.44
N MET A 119 -4.57 21.25 -10.16
CA MET A 119 -3.82 20.91 -8.97
C MET A 119 -2.93 22.08 -8.59
N MET A 120 -2.79 22.31 -7.29
CA MET A 120 -1.84 23.29 -6.77
C MET A 120 -0.82 22.53 -5.93
N LEU A 121 0.46 22.76 -6.20
CA LEU A 121 1.51 22.36 -5.27
C LEU A 121 1.98 23.62 -4.57
N LEU A 122 1.89 23.65 -3.25
CA LEU A 122 2.15 24.85 -2.45
C LEU A 122 3.29 24.51 -1.49
N LEU A 123 4.49 25.00 -1.77
CA LEU A 123 5.64 24.79 -0.90
C LEU A 123 5.73 25.95 0.09
N TYR A 124 5.74 25.64 1.38
CA TYR A 124 5.81 26.64 2.43
C TYR A 124 7.14 26.54 3.18
N GLU A 125 7.39 27.56 4.00
CA GLU A 125 8.44 27.44 5.00
C GLU A 125 8.14 26.31 5.98
N GLU A 126 6.86 26.05 6.26
CA GLU A 126 6.42 25.09 7.25
C GLU A 126 6.19 23.69 6.68
N GLY A 127 6.20 23.53 5.37
CA GLY A 127 5.91 22.21 4.82
C GLY A 127 5.40 22.34 3.40
N LEU A 128 4.62 21.35 2.99
CA LEU A 128 4.11 21.26 1.62
C LEU A 128 2.63 20.93 1.67
N ARG A 129 1.85 21.54 0.77
CA ARG A 129 0.44 21.19 0.64
C ARG A 129 0.15 20.87 -0.82
N VAL A 130 -0.73 19.89 -1.02
CA VAL A 130 -1.23 19.52 -2.34
C VAL A 130 -2.72 19.84 -2.35
N VAL A 131 -3.18 20.49 -3.42
CA VAL A 131 -4.59 20.82 -3.59
C VAL A 131 -5.03 20.26 -4.94
N ILE A 132 -6.00 19.34 -4.93
CA ILE A 132 -6.53 18.80 -6.18
C ILE A 132 -7.98 19.24 -6.28
N HIS A 133 -8.35 19.88 -7.39
CA HIS A 133 -9.61 20.59 -7.44
C HIS A 133 -10.15 20.56 -8.87
N THR A 134 -11.23 21.30 -9.12
CA THR A 134 -11.91 21.23 -10.39
C THR A 134 -12.03 22.55 -11.14
N SER A 135 -11.50 23.66 -10.61
CA SER A 135 -11.72 24.98 -11.20
C SER A 135 -10.58 25.42 -12.10
N ASN A 136 -10.92 26.00 -13.25
CA ASN A 136 -9.96 26.76 -14.04
C ASN A 136 -9.54 28.01 -13.27
N LEU A 137 -8.39 28.57 -13.64
CA LEU A 137 -7.87 29.75 -12.93
C LEU A 137 -8.34 31.04 -13.63
N ILE A 138 -9.66 31.20 -13.66
CA ILE A 138 -10.33 32.37 -14.22
C ILE A 138 -11.47 32.76 -13.29
N HIS A 139 -11.81 34.05 -13.29
CA HIS A 139 -12.80 34.56 -12.34
C HIS A 139 -14.11 33.76 -12.35
N ALA A 140 -14.62 33.46 -13.54
CA ALA A 140 -15.94 32.85 -13.64
C ALA A 140 -16.00 31.46 -13.00
N ASP A 141 -14.88 30.74 -12.97
CA ASP A 141 -14.92 29.39 -12.42
C ASP A 141 -15.02 29.40 -10.90
N TRP A 142 -14.72 30.51 -10.24
CA TRP A 142 -14.78 30.59 -8.78
C TRP A 142 -15.93 31.50 -8.33
N HIS A 143 -16.78 31.92 -9.25
CA HIS A 143 -17.79 32.95 -8.94
C HIS A 143 -19.11 32.30 -8.56
N GLN A 144 -19.77 31.65 -9.52
CA GLN A 144 -21.11 31.12 -9.29
C GLN A 144 -21.25 29.66 -9.75
N LYS A 145 -20.18 28.89 -9.70
CA LYS A 145 -20.25 27.48 -10.08
C LYS A 145 -20.11 26.57 -8.86
N THR A 146 -20.59 25.33 -9.01
CA THR A 146 -20.30 24.29 -8.04
C THR A 146 -18.99 23.62 -8.48
N GLN A 147 -17.95 23.76 -7.64
CA GLN A 147 -16.62 23.22 -7.89
C GLN A 147 -16.17 22.48 -6.63
N GLY A 148 -15.28 21.50 -6.79
CA GLY A 148 -14.82 20.68 -5.68
C GLY A 148 -13.34 20.89 -5.42
N ILE A 149 -12.96 20.75 -4.14
CA ILE A 149 -11.58 20.92 -3.68
C ILE A 149 -11.24 19.82 -2.69
N TRP A 150 -10.09 19.18 -2.87
CA TRP A 150 -9.51 18.34 -1.82
C TRP A 150 -8.24 19.02 -1.33
N LEU A 151 -8.15 19.23 -0.01
CA LEU A 151 -6.99 19.85 0.64
C LEU A 151 -6.19 18.79 1.36
N SER A 152 -4.93 18.62 0.96
CA SER A 152 -4.06 17.73 1.68
C SER A 152 -3.77 18.33 3.07
N PRO A 153 -3.34 17.50 4.01
CA PRO A 153 -2.78 18.04 5.25
C PRO A 153 -1.48 18.77 4.94
N LEU A 154 -1.03 19.55 5.92
CA LEU A 154 0.30 20.16 5.84
C LEU A 154 1.35 19.07 6.03
N TYR A 155 2.04 18.75 4.97
CA TYR A 155 3.07 17.70 5.01
C TYR A 155 4.36 18.29 5.54
N PRO A 156 4.91 17.79 6.64
CA PRO A 156 6.18 18.31 7.14
C PRO A 156 7.36 17.81 6.31
N ARG A 157 8.43 18.58 6.37
CA ARG A 157 9.67 18.16 5.71
C ARG A 157 10.36 17.07 6.51
N ILE A 158 10.95 16.11 5.81
CA ILE A 158 11.73 15.07 6.46
C ILE A 158 13.10 15.64 6.80
N ALA A 159 13.56 15.38 8.03
CA ALA A 159 14.80 15.95 8.50
C ALA A 159 15.98 15.53 7.62
N ASP A 160 16.83 16.49 7.30
CA ASP A 160 18.08 16.18 6.61
C ASP A 160 18.82 15.09 7.36
N GLY A 161 19.31 14.09 6.62
CA GLY A 161 19.98 12.95 7.20
C GLY A 161 19.08 11.81 7.62
N THR A 162 17.78 12.06 7.82
CA THR A 162 16.83 11.01 8.15
C THR A 162 16.39 10.28 6.89
N HIS A 163 16.34 8.94 6.98
CA HIS A 163 15.89 8.09 5.89
C HIS A 163 14.57 7.43 6.29
N LYS A 164 13.47 7.94 5.74
CA LYS A 164 12.17 7.32 5.90
C LYS A 164 11.41 7.52 4.60
N SER A 165 10.40 6.67 4.37
CA SER A 165 9.69 6.75 3.10
C SER A 165 8.83 8.02 3.02
N GLY A 166 8.19 8.40 4.13
CA GLY A 166 7.19 9.46 4.03
C GLY A 166 5.93 9.04 3.29
N GLU A 167 5.72 7.75 3.15
CA GLU A 167 4.65 7.19 2.33
C GLU A 167 3.41 6.92 3.18
N SER A 168 2.24 7.02 2.55
CA SER A 168 0.97 6.77 3.24
C SER A 168 0.48 5.36 2.97
N PRO A 169 -0.49 4.87 3.74
CA PRO A 169 -1.07 3.57 3.42
C PRO A 169 -1.71 3.51 2.05
N THR A 170 -2.10 4.67 1.50
CA THR A 170 -2.70 4.71 0.16
C THR A 170 -1.67 4.86 -0.96
N HIS A 171 -0.38 4.90 -0.62
CA HIS A 171 0.71 4.99 -1.60
C HIS A 171 0.68 6.32 -2.36
N PHE A 172 0.07 7.33 -1.75
CA PHE A 172 -0.15 8.62 -2.41
C PHE A 172 1.16 9.28 -2.84
N LYS A 173 2.20 9.16 -2.01
CA LYS A 173 3.43 9.90 -2.34
C LYS A 173 4.07 9.34 -3.59
N ALA A 174 4.22 8.01 -3.65
CA ALA A 174 4.76 7.38 -4.85
C ALA A 174 3.85 7.59 -6.05
N ASP A 175 2.53 7.53 -5.85
CA ASP A 175 1.62 7.70 -6.99
C ASP A 175 1.64 9.13 -7.52
N LEU A 176 1.75 10.12 -6.64
CA LEU A 176 1.86 11.49 -7.14
C LEU A 176 3.18 11.71 -7.87
N ILE A 177 4.28 11.15 -7.36
CA ILE A 177 5.55 11.28 -8.08
C ILE A 177 5.44 10.61 -9.44
N SER A 178 4.80 9.44 -9.48
N SER A 178 4.81 9.43 -9.48
CA SER A 178 4.64 8.73 -10.76
CA SER A 178 4.64 8.73 -10.76
C SER A 178 3.83 9.55 -11.74
C SER A 178 3.84 9.58 -11.74
N TYR A 179 2.77 10.20 -11.26
CA TYR A 179 1.99 11.08 -12.13
C TYR A 179 2.84 12.21 -12.70
N LEU A 180 3.63 12.85 -11.83
CA LEU A 180 4.49 13.92 -12.30
C LEU A 180 5.60 13.41 -13.23
N MET A 181 6.12 12.21 -12.98
N MET A 181 6.12 12.21 -12.97
CA MET A 181 7.20 11.70 -13.83
CA MET A 181 7.18 11.66 -13.80
C MET A 181 6.73 11.51 -15.27
C MET A 181 6.74 11.49 -15.25
N ALA A 182 5.45 11.23 -15.46
CA ALA A 182 4.92 11.00 -16.81
C ALA A 182 5.04 12.23 -17.70
N TYR A 183 5.16 13.43 -17.12
CA TYR A 183 5.32 14.61 -17.96
C TYR A 183 6.72 14.70 -18.60
N ASN A 184 7.72 14.08 -17.98
N ASN A 184 7.72 14.06 -18.00
CA ASN A 184 9.10 14.15 -18.48
CA ASN A 184 9.12 14.15 -18.46
C ASN A 184 9.58 15.59 -18.60
C ASN A 184 9.56 15.60 -18.61
N ALA A 185 9.30 16.40 -17.57
CA ALA A 185 9.50 17.83 -17.64
C ALA A 185 10.51 18.28 -16.60
N PRO A 186 11.50 19.09 -16.98
CA PRO A 186 12.50 19.51 -15.97
C PRO A 186 11.91 20.35 -14.85
N SER A 187 10.96 21.24 -15.14
CA SER A 187 10.37 22.02 -14.05
C SER A 187 9.64 21.12 -13.07
N LEU A 188 9.11 19.98 -13.55
CA LEU A 188 8.38 19.11 -12.63
C LEU A 188 9.30 18.13 -11.90
N LYS A 189 10.47 17.83 -12.45
CA LYS A 189 11.42 17.05 -11.65
C LYS A 189 11.84 17.83 -10.41
N GLU A 190 11.90 19.17 -10.49
CA GLU A 190 12.14 19.97 -9.29
C GLU A 190 11.07 19.74 -8.24
N TRP A 191 9.80 19.69 -8.64
CA TRP A 191 8.74 19.45 -7.68
C TRP A 191 8.73 18.01 -7.20
N ILE A 192 9.11 17.06 -8.05
CA ILE A 192 9.29 15.68 -7.57
C ILE A 192 10.32 15.64 -6.46
N ASP A 193 11.41 16.38 -6.61
CA ASP A 193 12.44 16.40 -5.58
C ASP A 193 11.93 17.05 -4.29
N VAL A 194 11.10 18.08 -4.41
CA VAL A 194 10.41 18.66 -3.25
C VAL A 194 9.55 17.62 -2.55
N ILE A 195 8.73 16.89 -3.32
CA ILE A 195 7.84 15.90 -2.72
C ILE A 195 8.65 14.81 -2.03
N HIS A 196 9.75 14.36 -2.65
CA HIS A 196 10.61 13.34 -2.02
C HIS A 196 11.04 13.76 -0.63
N LYS A 197 11.27 15.06 -0.43
CA LYS A 197 11.78 15.57 0.84
C LYS A 197 10.70 15.79 1.89
N HIS A 198 9.43 15.48 1.60
CA HIS A 198 8.38 15.70 2.58
C HIS A 198 7.71 14.40 2.99
N ASP A 199 7.02 14.46 4.12
CA ASP A 199 6.38 13.31 4.74
C ASP A 199 4.90 13.40 4.41
N LEU A 200 4.44 12.55 3.51
CA LEU A 200 3.04 12.52 3.10
C LEU A 200 2.27 11.36 3.75
N SER A 201 2.78 10.82 4.87
CA SER A 201 2.20 9.59 5.40
C SER A 201 0.79 9.76 5.93
N GLU A 202 0.35 10.98 6.22
CA GLU A 202 -0.99 11.15 6.75
C GLU A 202 -2.08 11.08 5.68
N THR A 203 -1.72 11.00 4.40
CA THR A 203 -2.72 11.07 3.33
C THR A 203 -3.64 9.86 3.35
N ASN A 204 -4.95 10.10 3.33
N ASN A 204 -4.95 10.09 3.32
CA ASN A 204 -5.94 9.04 3.42
CA ASN A 204 -5.89 8.98 3.37
C ASN A 204 -6.73 8.83 2.12
C ASN A 204 -6.84 8.98 2.17
N VAL A 205 -6.38 9.53 1.05
CA VAL A 205 -7.04 9.35 -0.24
C VAL A 205 -6.08 8.65 -1.20
N TYR A 206 -6.66 8.04 -2.23
CA TYR A 206 -5.91 7.42 -3.32
C TYR A 206 -5.91 8.36 -4.52
N LEU A 207 -4.77 8.45 -5.19
CA LEU A 207 -4.68 9.27 -6.40
C LEU A 207 -5.15 8.48 -7.61
N ILE A 208 -6.00 9.08 -8.43
CA ILE A 208 -6.42 8.48 -9.70
C ILE A 208 -6.08 9.47 -10.82
N GLY A 209 -5.05 9.16 -11.60
CA GLY A 209 -4.70 10.05 -12.69
C GLY A 209 -4.86 9.44 -14.06
N SER A 210 -4.98 10.31 -15.06
CA SER A 210 -4.83 9.95 -16.46
C SER A 210 -3.65 10.71 -17.02
N THR A 211 -2.87 10.05 -17.86
N THR A 211 -2.87 10.03 -17.85
CA THR A 211 -1.82 10.69 -18.61
CA THR A 211 -1.79 10.64 -18.61
C THR A 211 -1.83 10.10 -20.02
C THR A 211 -1.88 10.11 -20.04
N PRO A 212 -1.46 10.88 -21.04
CA PRO A 212 -1.61 10.39 -22.42
C PRO A 212 -0.68 9.21 -22.69
N GLY A 213 -1.20 8.23 -23.41
CA GLY A 213 -0.33 7.15 -23.83
C GLY A 213 -1.11 5.88 -24.17
N ARG A 214 -0.36 4.82 -24.42
N ARG A 214 -0.35 4.82 -24.41
CA ARG A 214 -0.92 3.52 -24.74
CA ARG A 214 -0.92 3.52 -24.74
C ARG A 214 -0.29 2.51 -23.78
C ARG A 214 -0.29 2.49 -23.80
N PHE A 215 -1.07 2.01 -22.85
CA PHE A 215 -0.58 1.24 -21.72
C PHE A 215 -1.01 -0.21 -21.82
N GLN A 216 -0.04 -1.10 -21.71
CA GLN A 216 -0.29 -2.52 -21.71
C GLN A 216 0.50 -3.17 -20.58
N GLY A 217 0.23 -4.45 -20.34
CA GLY A 217 1.01 -5.21 -19.39
C GLY A 217 0.87 -4.63 -17.99
N SER A 218 1.99 -4.41 -17.32
CA SER A 218 1.93 -3.88 -15.96
C SER A 218 1.31 -2.50 -15.93
N GLN A 219 1.71 -1.65 -16.89
CA GLN A 219 1.28 -0.26 -16.91
C GLN A 219 -0.22 -0.09 -17.14
N LYS A 220 -0.92 -1.15 -17.54
CA LYS A 220 -2.35 -1.05 -17.83
C LYS A 220 -3.13 -0.51 -16.65
N ASP A 221 -2.74 -0.87 -15.43
CA ASP A 221 -3.49 -0.52 -14.22
C ASP A 221 -3.08 0.82 -13.65
N ASN A 222 -2.16 1.53 -14.28
CA ASN A 222 -1.63 2.76 -13.69
C ASN A 222 -2.59 3.94 -13.82
N TRP A 223 -3.46 3.95 -14.83
CA TRP A 223 -4.13 5.19 -15.20
C TRP A 223 -5.59 4.94 -15.53
N GLY A 224 -6.37 6.01 -15.46
CA GLY A 224 -7.71 6.02 -16.04
C GLY A 224 -8.66 5.04 -15.35
N HIS A 225 -9.56 4.46 -16.15
CA HIS A 225 -10.56 3.65 -15.48
C HIS A 225 -10.01 2.30 -15.03
N PHE A 226 -8.90 1.83 -15.62
CA PHE A 226 -8.26 0.64 -15.09
C PHE A 226 -7.59 0.90 -13.74
N ARG A 227 -7.09 2.12 -13.52
CA ARG A 227 -6.57 2.49 -12.20
C ARG A 227 -7.69 2.41 -11.16
N LEU A 228 -8.84 2.99 -11.47
CA LEU A 228 -9.99 2.92 -10.56
C LEU A 228 -10.37 1.49 -10.27
N LYS A 229 -10.48 0.68 -11.34
CA LYS A 229 -10.83 -0.74 -11.19
C LYS A 229 -9.87 -1.46 -10.24
N LYS A 230 -8.57 -1.26 -10.45
CA LYS A 230 -7.56 -1.93 -9.63
C LYS A 230 -7.69 -1.54 -8.15
N LEU A 231 -7.93 -0.26 -7.87
CA LEU A 231 -8.09 0.18 -6.49
C LEU A 231 -9.35 -0.41 -5.87
N LEU A 232 -10.45 -0.45 -6.63
CA LEU A 232 -11.69 -1.01 -6.10
C LEU A 232 -11.55 -2.51 -5.86
N LYS A 233 -10.79 -3.19 -6.71
CA LYS A 233 -10.58 -4.61 -6.46
C LYS A 233 -9.73 -4.83 -5.21
N ASP A 234 -8.70 -4.00 -5.02
CA ASP A 234 -7.75 -4.23 -3.95
C ASP A 234 -8.20 -3.70 -2.59
N HIS A 235 -9.04 -2.67 -2.56
CA HIS A 235 -9.25 -1.94 -1.31
C HIS A 235 -10.71 -1.69 -0.97
N ALA A 236 -11.64 -2.28 -1.73
CA ALA A 236 -13.06 -2.29 -1.39
C ALA A 236 -13.54 -3.73 -1.31
N SER A 237 -14.67 -3.92 -0.64
CA SER A 237 -15.27 -5.23 -0.45
C SER A 237 -16.60 -5.30 -1.18
N SER A 238 -16.89 -6.46 -1.76
CA SER A 238 -18.20 -6.67 -2.35
C SER A 238 -19.18 -7.05 -1.25
N MET A 239 -20.36 -6.47 -1.31
CA MET A 239 -21.41 -6.79 -0.36
C MET A 239 -22.49 -7.63 -1.03
N PRO A 240 -23.32 -8.33 -0.24
CA PRO A 240 -24.48 -8.99 -0.84
C PRO A 240 -25.37 -7.96 -1.50
N ASN A 241 -26.00 -8.35 -2.61
CA ASN A 241 -26.88 -7.45 -3.34
C ASN A 241 -26.12 -6.25 -3.91
N ALA A 242 -24.81 -6.43 -4.11
CA ALA A 242 -24.00 -5.39 -4.76
C ALA A 242 -24.60 -4.97 -6.09
N GLU A 243 -25.28 -5.88 -6.78
CA GLU A 243 -25.90 -5.57 -8.07
C GLU A 243 -26.99 -4.51 -7.95
N SER A 244 -27.47 -4.24 -6.74
CA SER A 244 -28.48 -3.21 -6.53
C SER A 244 -27.88 -1.87 -6.17
N TRP A 245 -26.57 -1.79 -5.96
CA TRP A 245 -25.93 -0.54 -5.61
C TRP A 245 -25.64 0.20 -6.89
N PRO A 246 -26.30 1.33 -7.13
CA PRO A 246 -26.10 2.05 -8.39
C PRO A 246 -24.70 2.61 -8.52
N VAL A 247 -24.39 3.05 -9.72
CA VAL A 247 -23.23 3.89 -10.00
C VAL A 247 -23.74 5.27 -10.41
N VAL A 248 -23.11 6.32 -9.88
CA VAL A 248 -23.48 7.69 -10.20
C VAL A 248 -22.26 8.38 -10.83
N GLY A 249 -22.46 8.96 -12.01
CA GLY A 249 -21.45 9.81 -12.63
C GLY A 249 -22.00 11.20 -12.84
N GLN A 250 -21.16 12.21 -12.61
CA GLN A 250 -21.60 13.61 -12.59
C GLN A 250 -20.48 14.45 -13.19
N PHE A 251 -20.79 15.20 -14.26
CA PHE A 251 -19.72 15.78 -15.07
C PHE A 251 -20.23 17.03 -15.76
N SER A 252 -19.30 17.76 -16.39
CA SER A 252 -19.65 18.99 -17.10
C SER A 252 -19.44 18.92 -18.62
N SER A 253 -18.99 17.79 -19.14
CA SER A 253 -18.74 17.68 -20.58
C SER A 253 -18.88 16.23 -20.97
N VAL A 254 -19.28 15.98 -22.23
CA VAL A 254 -19.53 14.63 -22.72
C VAL A 254 -18.79 14.45 -24.03
N GLY A 255 -18.03 13.36 -24.15
CA GLY A 255 -17.35 13.01 -25.38
C GLY A 255 -18.18 12.09 -26.23
N SER A 256 -17.61 11.72 -27.38
N SER A 256 -17.60 11.72 -27.39
CA SER A 256 -18.27 10.77 -28.29
CA SER A 256 -18.23 10.75 -28.29
C SER A 256 -18.09 9.36 -27.72
C SER A 256 -18.08 9.35 -27.69
N LEU A 257 -19.18 8.75 -27.27
CA LEU A 257 -19.11 7.45 -26.61
C LEU A 257 -19.38 6.27 -27.54
N GLY A 258 -19.84 6.52 -28.76
CA GLY A 258 -20.17 5.44 -29.67
C GLY A 258 -21.65 5.41 -29.99
N ALA A 259 -21.99 4.49 -30.91
CA ALA A 259 -23.32 4.41 -31.46
C ALA A 259 -24.32 3.76 -30.52
N ASP A 260 -23.86 3.04 -29.50
CA ASP A 260 -24.75 2.53 -28.47
C ASP A 260 -23.95 2.27 -27.20
N GLU A 261 -24.68 1.93 -26.13
CA GLU A 261 -24.06 1.81 -24.82
C GLU A 261 -23.09 0.64 -24.74
N SER A 262 -23.20 -0.35 -25.64
CA SER A 262 -22.27 -1.47 -25.62
C SER A 262 -20.86 -1.09 -26.06
N LYS A 263 -20.70 0.04 -26.78
CA LYS A 263 -19.42 0.34 -27.39
C LYS A 263 -18.37 0.70 -26.34
N TRP A 264 -18.77 1.41 -25.29
CA TRP A 264 -17.81 1.82 -24.27
C TRP A 264 -18.45 2.06 -22.92
N LEU A 265 -19.59 2.78 -22.90
CA LEU A 265 -20.17 3.26 -21.65
C LEU A 265 -20.48 2.11 -20.69
N CYS A 266 -21.23 1.12 -21.17
CA CYS A 266 -21.63 0.01 -20.31
C CYS A 266 -20.75 -1.23 -20.43
N SER A 267 -19.78 -1.22 -21.34
CA SER A 267 -18.93 -2.40 -21.54
C SER A 267 -17.61 -2.30 -20.79
N GLU A 268 -16.89 -1.20 -20.92
CA GLU A 268 -15.67 -1.09 -20.14
C GLU A 268 -15.73 0.00 -19.06
N PHE A 269 -16.37 1.14 -19.31
CA PHE A 269 -16.46 2.18 -18.28
C PHE A 269 -17.30 1.73 -17.09
N LYS A 270 -18.56 1.33 -17.33
CA LYS A 270 -19.39 0.87 -16.23
C LYS A 270 -18.79 -0.35 -15.55
N GLU A 271 -18.16 -1.23 -16.33
CA GLU A 271 -17.59 -2.44 -15.75
C GLU A 271 -16.50 -2.10 -14.74
N SER A 272 -15.65 -1.13 -15.04
CA SER A 272 -14.66 -0.69 -14.06
C SER A 272 -15.34 -0.08 -12.84
N MET A 273 -16.33 0.77 -13.06
CA MET A 273 -17.02 1.46 -11.97
C MET A 273 -17.74 0.51 -11.02
N LEU A 274 -18.24 -0.64 -11.53
N LEU A 274 -18.24 -0.64 -11.50
CA LEU A 274 -18.98 -1.61 -10.73
CA LEU A 274 -18.99 -1.51 -10.63
C LEU A 274 -18.09 -2.44 -9.84
C LEU A 274 -18.10 -2.54 -9.91
N THR A 275 -16.80 -2.50 -10.12
CA THR A 275 -15.90 -3.41 -9.43
C THR A 275 -15.94 -3.21 -7.92
N LEU A 276 -15.99 -4.33 -7.20
CA LEU A 276 -15.80 -4.32 -5.75
C LEU A 276 -15.15 -5.63 -5.36
N GLY A 277 -13.98 -5.57 -4.74
CA GLY A 277 -13.36 -6.77 -4.24
C GLY A 277 -12.72 -7.61 -5.33
N LYS A 278 -12.15 -8.73 -4.91
CA LYS A 278 -11.21 -9.48 -5.74
C LYS A 278 -11.84 -10.64 -6.50
N GLU A 279 -13.14 -10.86 -6.38
CA GLU A 279 -13.77 -11.99 -7.05
C GLU A 279 -14.42 -11.56 -8.35
N SER A 280 -14.73 -12.56 -9.18
CA SER A 280 -15.30 -12.30 -10.51
C SER A 280 -16.78 -11.97 -10.43
N SER A 286 -24.78 -6.48 -16.92
CA SER A 286 -25.06 -6.11 -15.53
C SER A 286 -26.36 -5.32 -15.37
N SER A 287 -27.08 -5.64 -14.30
CA SER A 287 -28.31 -4.92 -13.95
C SER A 287 -28.04 -3.75 -13.00
N VAL A 288 -26.79 -3.38 -12.80
CA VAL A 288 -26.49 -2.26 -11.90
C VAL A 288 -27.03 -0.98 -12.52
N PRO A 289 -27.85 -0.20 -11.82
CA PRO A 289 -28.33 1.07 -12.36
C PRO A 289 -27.21 2.08 -12.50
N LEU A 290 -27.24 2.83 -13.59
CA LEU A 290 -26.24 3.86 -13.88
C LEU A 290 -26.97 5.18 -14.02
N TYR A 291 -26.68 6.12 -13.12
CA TYR A 291 -27.27 7.45 -13.12
C TYR A 291 -26.20 8.41 -13.60
N LEU A 292 -26.49 9.17 -14.66
CA LEU A 292 -25.57 10.21 -15.11
C LEU A 292 -26.21 11.57 -14.85
N ILE A 293 -25.47 12.45 -14.18
CA ILE A 293 -25.98 13.77 -13.81
C ILE A 293 -25.31 14.82 -14.70
N TYR A 294 -26.13 15.57 -15.46
CA TYR A 294 -25.61 16.57 -16.40
C TYR A 294 -26.68 17.64 -16.62
N PRO A 295 -26.33 18.93 -16.56
CA PRO A 295 -27.36 19.99 -16.54
C PRO A 295 -28.25 19.98 -17.78
N SER A 296 -29.56 20.08 -17.55
CA SER A 296 -30.49 20.29 -18.66
C SER A 296 -30.41 21.73 -19.15
N VAL A 297 -31.08 22.02 -20.26
CA VAL A 297 -31.20 23.40 -20.73
C VAL A 297 -31.87 24.26 -19.66
N GLU A 298 -32.92 23.74 -19.02
N GLU A 298 -32.92 23.74 -19.01
CA GLU A 298 -33.62 24.51 -18.01
CA GLU A 298 -33.63 24.52 -18.00
C GLU A 298 -32.74 24.78 -16.79
C GLU A 298 -32.76 24.77 -16.77
N ASN A 299 -31.93 23.79 -16.39
CA ASN A 299 -30.96 24.01 -15.32
C ASN A 299 -30.10 25.22 -15.63
N VAL A 300 -29.58 25.30 -16.86
CA VAL A 300 -28.66 26.36 -17.23
C VAL A 300 -29.41 27.69 -17.31
N ARG A 301 -30.58 27.69 -17.94
CA ARG A 301 -31.34 28.92 -18.13
C ARG A 301 -31.63 29.61 -16.80
N THR A 302 -32.10 28.85 -15.82
CA THR A 302 -32.48 29.44 -14.53
C THR A 302 -31.31 29.55 -13.56
N SER A 303 -30.10 29.28 -14.02
CA SER A 303 -28.93 29.33 -13.16
C SER A 303 -28.55 30.77 -12.81
N LEU A 304 -27.71 30.89 -11.76
CA LEU A 304 -27.22 32.20 -11.35
C LEU A 304 -26.57 32.96 -12.50
N GLU A 305 -25.78 32.25 -13.31
CA GLU A 305 -25.11 32.88 -14.45
C GLU A 305 -26.02 33.04 -15.65
N GLY A 306 -27.03 32.21 -15.76
CA GLY A 306 -27.82 32.19 -16.97
C GLY A 306 -27.15 31.38 -18.05
N TYR A 307 -27.55 31.65 -19.28
CA TYR A 307 -27.02 30.87 -20.40
C TYR A 307 -25.50 30.87 -20.49
N PRO A 308 -24.79 31.95 -20.12
CA PRO A 308 -23.32 31.92 -20.18
C PRO A 308 -22.70 30.80 -19.34
N ALA A 309 -23.39 30.28 -18.32
CA ALA A 309 -22.87 29.08 -17.65
C ALA A 309 -22.64 27.96 -18.66
N GLY A 310 -23.44 27.93 -19.73
CA GLY A 310 -23.30 26.91 -20.74
C GLY A 310 -22.02 26.98 -21.53
N GLY A 311 -21.32 28.11 -21.49
CA GLY A 311 -20.00 28.18 -22.09
C GLY A 311 -18.97 27.30 -21.40
N SER A 312 -19.27 26.84 -20.18
CA SER A 312 -18.42 25.91 -19.45
C SER A 312 -19.04 24.52 -19.32
N LEU A 313 -20.01 24.22 -20.18
CA LEU A 313 -20.62 22.88 -20.27
C LEU A 313 -20.48 22.46 -21.72
N PRO A 314 -19.29 22.09 -22.14
CA PRO A 314 -19.01 21.90 -23.58
C PRO A 314 -19.51 20.55 -24.03
N TYR A 315 -20.68 20.54 -24.66
CA TYR A 315 -21.26 19.35 -25.26
C TYR A 315 -21.79 19.79 -26.61
N SER A 316 -21.14 19.41 -27.69
CA SER A 316 -21.46 19.97 -28.99
C SER A 316 -22.58 19.18 -29.65
N ILE A 317 -23.33 19.86 -30.51
CA ILE A 317 -24.43 19.17 -31.19
C ILE A 317 -23.88 18.08 -32.09
N GLN A 318 -22.67 18.28 -32.63
CA GLN A 318 -22.07 17.27 -33.49
C GLN A 318 -21.87 15.96 -32.73
N THR A 319 -21.41 16.05 -31.48
CA THR A 319 -21.27 14.85 -30.65
C THR A 319 -22.65 14.30 -30.29
N ALA A 320 -23.54 15.17 -29.81
CA ALA A 320 -24.79 14.72 -29.20
C ALA A 320 -25.67 13.98 -30.21
N GLU A 321 -25.75 14.49 -31.45
CA GLU A 321 -26.64 13.89 -32.43
C GLU A 321 -26.27 12.46 -32.79
N LYS A 322 -25.03 12.03 -32.52
CA LYS A 322 -24.61 10.66 -32.79
C LYS A 322 -24.93 9.71 -31.65
N GLN A 323 -25.46 10.18 -30.53
CA GLN A 323 -25.62 9.32 -29.36
C GLN A 323 -26.87 9.72 -28.57
N ASN A 324 -28.00 9.89 -29.26
CA ASN A 324 -29.20 10.23 -28.52
C ASN A 324 -29.56 9.18 -27.49
N TRP A 325 -29.14 7.92 -27.70
CA TRP A 325 -29.37 6.87 -26.70
C TRP A 325 -28.85 7.25 -25.32
N LEU A 326 -27.78 8.03 -25.26
CA LEU A 326 -27.15 8.35 -23.99
C LEU A 326 -28.06 9.18 -23.10
N HIS A 327 -28.85 10.06 -23.71
CA HIS A 327 -29.57 11.03 -22.91
C HIS A 327 -30.67 10.40 -22.09
N SER A 328 -31.05 9.15 -22.38
N SER A 328 -31.05 9.15 -22.37
CA SER A 328 -31.99 8.46 -21.49
CA SER A 328 -31.99 8.47 -21.48
C SER A 328 -31.37 8.14 -20.14
C SER A 328 -31.38 8.16 -20.13
N TYR A 329 -30.06 8.29 -19.99
CA TYR A 329 -29.39 8.12 -18.70
C TYR A 329 -29.28 9.40 -17.89
N PHE A 330 -29.68 10.54 -18.45
CA PHE A 330 -29.35 11.83 -17.87
C PHE A 330 -30.35 12.22 -16.78
N HIS A 331 -29.80 12.76 -15.70
CA HIS A 331 -30.56 13.26 -14.56
C HIS A 331 -30.21 14.72 -14.34
N LYS A 332 -31.17 15.49 -13.85
CA LYS A 332 -31.00 16.93 -13.68
C LYS A 332 -29.96 17.24 -12.60
N TRP A 333 -29.37 18.42 -12.70
CA TRP A 333 -28.56 18.92 -11.59
C TRP A 333 -29.48 19.42 -10.49
N SER A 334 -29.28 18.92 -9.28
CA SER A 334 -30.05 19.44 -8.16
C SER A 334 -29.16 19.35 -6.93
N ALA A 335 -29.10 20.43 -6.15
CA ALA A 335 -28.15 20.49 -5.05
C ALA A 335 -28.73 21.33 -3.89
N GLU A 336 -29.99 21.08 -3.54
CA GLU A 336 -30.56 21.75 -2.36
C GLU A 336 -29.72 21.49 -1.11
N THR A 337 -29.12 20.30 -1.01
CA THR A 337 -28.32 19.97 0.17
C THR A 337 -27.20 20.97 0.41
N SER A 338 -26.64 21.57 -0.65
CA SER A 338 -25.58 22.54 -0.51
C SER A 338 -25.99 23.93 -1.00
N GLY A 339 -27.30 24.15 -1.18
CA GLY A 339 -27.80 25.44 -1.64
C GLY A 339 -27.34 25.82 -3.03
N ARG A 340 -27.03 24.83 -3.88
CA ARG A 340 -26.32 25.09 -5.13
C ARG A 340 -27.06 24.56 -6.36
N SER A 341 -28.39 24.37 -6.31
CA SER A 341 -29.10 23.98 -7.53
C SER A 341 -28.95 24.99 -8.64
N ASN A 342 -28.72 26.27 -8.33
CA ASN A 342 -28.58 27.26 -9.38
C ASN A 342 -27.13 27.64 -9.66
N ALA A 343 -26.18 26.93 -9.09
CA ALA A 343 -24.75 27.15 -9.30
C ALA A 343 -24.28 25.98 -10.18
N MET A 344 -24.10 26.23 -11.47
CA MET A 344 -23.95 25.11 -12.39
C MET A 344 -22.67 24.32 -12.06
N PRO A 345 -22.70 23.00 -12.23
CA PRO A 345 -21.56 22.17 -11.85
C PRO A 345 -20.43 22.26 -12.85
N HIS A 346 -19.24 22.53 -12.34
CA HIS A 346 -18.01 22.25 -13.08
C HIS A 346 -17.17 21.22 -12.33
N ILE A 347 -17.54 20.88 -11.08
CA ILE A 347 -17.05 19.69 -10.40
C ILE A 347 -17.39 18.44 -11.24
N LYS A 348 -16.56 17.40 -11.13
CA LYS A 348 -16.90 16.07 -11.63
C LYS A 348 -16.78 15.10 -10.46
N THR A 349 -17.77 14.24 -10.30
CA THR A 349 -17.74 13.26 -9.22
C THR A 349 -18.30 11.93 -9.71
N TYR A 350 -17.83 10.85 -9.11
CA TYR A 350 -18.29 9.50 -9.37
C TYR A 350 -18.40 8.80 -8.03
N MET A 351 -19.45 8.01 -7.83
CA MET A 351 -19.61 7.37 -6.52
C MET A 351 -20.51 6.15 -6.66
N ARG A 352 -20.57 5.36 -5.58
CA ARG A 352 -21.29 4.08 -5.55
C ARG A 352 -22.22 4.04 -4.34
N PRO A 353 -23.41 4.61 -4.46
CA PRO A 353 -24.35 4.63 -3.34
C PRO A 353 -25.07 3.28 -3.15
N SER A 354 -25.60 3.11 -1.95
CA SER A 354 -26.44 1.96 -1.63
C SER A 354 -27.79 2.11 -2.37
N PRO A 355 -28.60 1.06 -2.42
CA PRO A 355 -29.86 1.15 -3.18
C PRO A 355 -30.78 2.25 -2.69
N ASP A 356 -30.73 2.59 -1.41
CA ASP A 356 -31.54 3.68 -0.88
C ASP A 356 -30.75 4.99 -0.73
N PHE A 357 -29.55 5.05 -1.32
CA PHE A 357 -28.72 6.26 -1.36
C PHE A 357 -28.35 6.76 0.04
N SER A 358 -28.44 5.91 1.06
CA SER A 358 -28.11 6.35 2.41
C SER A 358 -26.64 6.16 2.76
N LYS A 359 -25.94 5.34 2.00
CA LYS A 359 -24.54 5.03 2.23
C LYS A 359 -23.84 5.11 0.87
N ILE A 360 -22.52 5.22 0.87
CA ILE A 360 -21.75 5.07 -0.36
C ILE A 360 -20.55 4.17 -0.12
N ALA A 361 -20.21 3.36 -1.12
CA ALA A 361 -19.06 2.46 -1.02
C ALA A 361 -17.76 3.17 -1.36
N TRP A 362 -17.82 4.30 -2.05
CA TRP A 362 -16.65 5.12 -2.37
C TRP A 362 -17.13 6.41 -3.05
N PHE A 363 -16.23 7.39 -3.10
CA PHE A 363 -16.52 8.67 -3.73
C PHE A 363 -15.25 9.17 -4.39
N LEU A 364 -15.39 9.71 -5.60
CA LEU A 364 -14.25 10.20 -6.37
C LEU A 364 -14.58 11.62 -6.81
N VAL A 365 -13.66 12.56 -6.61
CA VAL A 365 -13.76 13.88 -7.20
C VAL A 365 -12.56 14.05 -8.12
N THR A 366 -12.80 14.56 -9.33
CA THR A 366 -11.78 14.48 -10.36
C THR A 366 -12.02 15.57 -11.40
N SER A 367 -11.02 15.74 -12.28
CA SER A 367 -11.21 16.57 -13.45
C SER A 367 -11.82 15.81 -14.62
N ALA A 368 -11.92 14.47 -14.53
CA ALA A 368 -12.28 13.65 -15.70
C ALA A 368 -13.78 13.73 -15.99
N ASN A 369 -14.12 14.15 -17.20
CA ASN A 369 -15.48 14.16 -17.70
C ASN A 369 -15.89 12.80 -18.25
N LEU A 370 -17.10 12.71 -18.82
CA LEU A 370 -17.58 11.44 -19.36
C LEU A 370 -17.08 11.31 -20.80
N SER A 371 -15.83 10.87 -20.94
CA SER A 371 -15.20 10.79 -22.25
C SER A 371 -14.13 9.71 -22.26
N LYS A 372 -13.97 9.09 -23.44
CA LYS A 372 -12.89 8.14 -23.64
C LYS A 372 -11.53 8.82 -23.53
N ALA A 373 -11.45 10.09 -23.93
CA ALA A 373 -10.19 10.81 -23.86
C ALA A 373 -9.68 10.86 -22.42
N ALA A 374 -10.60 11.07 -21.47
CA ALA A 374 -10.28 11.22 -20.06
C ALA A 374 -10.00 9.89 -19.37
N TRP A 375 -10.85 8.90 -19.61
CA TRP A 375 -10.84 7.69 -18.83
C TRP A 375 -10.07 6.57 -19.51
N GLY A 376 -9.88 6.65 -20.82
CA GLY A 376 -9.20 5.60 -21.55
C GLY A 376 -10.18 4.70 -22.30
N ALA A 377 -9.71 4.16 -23.41
CA ALA A 377 -10.48 3.21 -24.21
C ALA A 377 -9.55 2.08 -24.60
N LEU A 378 -10.04 0.85 -24.45
CA LEU A 378 -9.24 -0.32 -24.76
C LEU A 378 -9.02 -0.44 -26.25
N GLU A 379 -7.80 -0.82 -26.63
CA GLU A 379 -7.39 -1.04 -28.01
C GLU A 379 -6.68 -2.37 -28.08
N LYS A 380 -6.35 -2.78 -29.31
CA LYS A 380 -5.46 -3.93 -29.51
C LYS A 380 -6.06 -5.20 -28.91
N ASN A 381 -7.33 -5.45 -29.22
CA ASN A 381 -8.02 -6.67 -28.77
C ASN A 381 -8.07 -6.75 -27.24
N GLY A 382 -8.32 -5.61 -26.60
CA GLY A 382 -8.42 -5.55 -25.15
C GLY A 382 -7.11 -5.50 -24.38
N THR A 383 -5.97 -5.42 -25.06
CA THR A 383 -4.68 -5.51 -24.37
C THR A 383 -4.03 -4.17 -24.06
N GLN A 384 -4.58 -3.06 -24.57
CA GLN A 384 -3.94 -1.76 -24.45
C GLN A 384 -4.97 -0.71 -24.08
N LEU A 385 -4.68 0.10 -23.07
CA LEU A 385 -5.56 1.20 -22.68
C LEU A 385 -4.97 2.49 -23.24
N MET A 386 -5.71 3.14 -24.14
CA MET A 386 -5.25 4.36 -24.78
C MET A 386 -5.96 5.53 -24.12
N ILE A 387 -5.18 6.50 -23.64
CA ILE A 387 -5.66 7.72 -22.99
C ILE A 387 -5.10 8.91 -23.75
N ARG A 388 -5.93 9.91 -23.97
CA ARG A 388 -5.51 11.08 -24.73
C ARG A 388 -5.09 12.26 -23.86
N SER A 389 -5.59 12.34 -22.61
CA SER A 389 -5.59 13.56 -21.83
C SER A 389 -4.90 13.37 -20.49
N TYR A 390 -4.57 14.49 -19.84
CA TYR A 390 -4.16 14.51 -18.43
C TYR A 390 -5.38 14.78 -17.56
N GLU A 391 -5.57 13.97 -16.51
CA GLU A 391 -6.67 14.12 -15.57
C GLU A 391 -6.16 13.77 -14.19
N LEU A 392 -6.80 14.31 -13.16
CA LEU A 392 -6.40 13.97 -11.80
C LEU A 392 -7.56 14.09 -10.84
N GLY A 393 -7.67 13.12 -9.94
CA GLY A 393 -8.73 13.13 -8.95
C GLY A 393 -8.26 12.39 -7.71
N VAL A 394 -9.08 12.42 -6.66
CA VAL A 394 -8.77 11.66 -5.45
C VAL A 394 -9.97 10.82 -5.08
N LEU A 395 -9.67 9.61 -4.60
CA LEU A 395 -10.66 8.59 -4.32
C LEU A 395 -10.74 8.36 -2.82
N PHE A 396 -11.95 8.48 -2.28
CA PHE A 396 -12.24 8.22 -0.87
C PHE A 396 -12.81 6.82 -0.74
N LEU A 397 -12.08 5.94 -0.06
CA LEU A 397 -12.47 4.57 0.18
C LEU A 397 -12.68 4.36 1.68
N PRO A 398 -13.80 3.77 2.08
CA PRO A 398 -14.05 3.53 3.52
C PRO A 398 -12.91 2.81 4.21
N SER A 399 -12.30 1.82 3.55
CA SER A 399 -11.19 1.07 4.15
C SER A 399 -10.07 2.00 4.60
N ALA A 400 -9.84 3.11 3.88
CA ALA A 400 -8.78 4.05 4.22
C ALA A 400 -9.10 4.86 5.46
N PHE A 401 -10.33 4.78 5.96
CA PHE A 401 -10.74 5.47 7.17
C PHE A 401 -11.18 4.50 8.25
N GLY A 402 -10.89 3.21 8.08
CA GLY A 402 -11.31 2.21 9.04
C GLY A 402 -12.80 1.95 9.05
N LEU A 403 -13.46 2.07 7.90
CA LEU A 403 -14.91 1.98 7.83
C LEU A 403 -15.29 0.97 6.76
N ASP A 404 -16.53 0.48 6.82
CA ASP A 404 -17.01 -0.40 5.76
C ASP A 404 -17.80 0.35 4.69
N SER A 405 -18.37 1.49 5.03
CA SER A 405 -19.03 2.36 4.07
C SER A 405 -19.06 3.74 4.69
N PHE A 406 -19.40 4.74 3.87
CA PHE A 406 -19.61 6.10 4.35
C PHE A 406 -21.10 6.32 4.47
N LYS A 407 -21.55 6.85 5.59
CA LYS A 407 -22.90 7.39 5.62
C LYS A 407 -22.94 8.69 4.84
N VAL A 408 -24.03 8.95 4.12
CA VAL A 408 -24.16 10.20 3.37
C VAL A 408 -24.61 11.30 4.30
N LYS A 409 -23.87 12.41 4.32
CA LYS A 409 -24.23 13.56 5.14
C LYS A 409 -25.53 14.17 4.63
N GLN A 410 -26.43 14.51 5.57
CA GLN A 410 -27.79 14.87 5.19
C GLN A 410 -27.87 16.26 4.59
N LYS A 411 -27.25 17.24 5.23
CA LYS A 411 -27.10 18.57 4.66
C LYS A 411 -25.62 18.89 4.63
N PHE A 412 -25.14 19.33 3.46
CA PHE A 412 -23.71 19.41 3.17
C PHE A 412 -22.97 20.27 4.20
N PHE A 413 -23.56 21.39 4.61
CA PHE A 413 -22.92 22.28 5.58
C PHE A 413 -23.44 22.11 7.00
N ALA A 414 -24.25 21.07 7.27
CA ALA A 414 -24.77 20.85 8.61
C ALA A 414 -23.76 20.09 9.48
N GLY A 415 -24.22 19.48 10.57
CA GLY A 415 -23.34 18.79 11.49
C GLY A 415 -23.97 17.66 12.28
N PRO A 419 -21.95 12.79 13.59
CA PRO A 419 -20.81 11.86 13.63
C PRO A 419 -19.88 12.03 12.43
N MET A 420 -18.94 12.96 12.54
CA MET A 420 -18.15 13.48 11.41
C MET A 420 -17.59 12.46 10.43
N ALA A 421 -17.84 11.16 10.64
CA ALA A 421 -17.55 10.13 9.64
C ALA A 421 -18.70 9.94 8.63
N THR A 422 -19.42 11.01 8.30
CA THR A 422 -20.39 11.00 7.22
C THR A 422 -19.85 11.83 6.06
N PHE A 423 -20.06 11.32 4.83
CA PHE A 423 -19.36 11.96 3.72
C PHE A 423 -20.20 13.07 3.12
N PRO A 424 -19.63 14.25 2.86
CA PRO A 424 -20.43 15.36 2.34
C PRO A 424 -20.65 15.27 0.84
N VAL A 425 -21.66 14.54 0.43
CA VAL A 425 -22.07 14.55 -0.99
C VAL A 425 -22.67 15.90 -1.32
N PRO A 426 -22.19 16.60 -2.34
CA PRO A 426 -22.61 17.99 -2.56
C PRO A 426 -23.86 18.21 -3.40
N TYR A 427 -24.50 17.16 -3.92
CA TYR A 427 -25.76 17.33 -4.62
C TYR A 427 -26.78 16.33 -4.10
N ASP A 428 -28.04 16.49 -4.53
CA ASP A 428 -29.15 15.76 -3.95
C ASP A 428 -29.21 14.32 -4.43
N LEU A 429 -29.64 13.43 -3.53
CA LEU A 429 -29.90 12.06 -3.90
C LEU A 429 -31.31 11.70 -3.46
N PRO A 430 -32.01 10.82 -4.19
CA PRO A 430 -31.59 10.23 -5.46
C PRO A 430 -31.62 11.26 -6.58
N PRO A 431 -30.81 11.09 -7.62
CA PRO A 431 -30.87 12.03 -8.75
C PRO A 431 -32.21 11.92 -9.45
N GLU A 432 -32.64 13.03 -10.04
CA GLU A 432 -33.96 13.12 -10.66
C GLU A 432 -33.83 13.03 -12.17
N LEU A 433 -34.55 12.08 -12.77
CA LEU A 433 -34.49 11.89 -14.21
C LEU A 433 -34.99 13.15 -14.94
N TYR A 434 -34.41 13.43 -16.10
CA TYR A 434 -34.95 14.44 -16.99
C TYR A 434 -36.44 14.18 -17.21
N GLY A 435 -37.24 15.24 -17.27
CA GLY A 435 -38.60 15.13 -17.74
C GLY A 435 -38.63 15.01 -19.26
N SER A 436 -39.81 14.69 -19.80
CA SER A 436 -39.90 14.42 -21.24
C SER A 436 -39.62 15.67 -22.05
N LYS A 437 -39.85 16.85 -21.49
CA LYS A 437 -39.55 18.10 -22.19
C LYS A 437 -38.12 18.60 -21.94
N ASP A 438 -37.36 17.95 -21.08
CA ASP A 438 -36.00 18.40 -20.83
C ASP A 438 -35.06 17.90 -21.92
N ARG A 439 -34.00 18.67 -22.16
CA ARG A 439 -32.95 18.34 -23.11
C ARG A 439 -31.60 18.58 -22.44
N PRO A 440 -30.57 17.84 -22.83
CA PRO A 440 -29.25 18.11 -22.26
C PRO A 440 -28.74 19.43 -22.80
N TRP A 441 -28.03 20.16 -21.95
CA TRP A 441 -27.39 21.38 -22.43
C TRP A 441 -26.39 21.07 -23.55
N ILE A 442 -26.59 21.71 -24.69
CA ILE A 442 -25.72 21.54 -25.85
C ILE A 442 -25.24 22.94 -26.21
N TRP A 443 -23.92 23.14 -26.20
CA TRP A 443 -23.47 24.52 -26.04
C TRP A 443 -23.45 25.31 -27.33
N ASN A 444 -23.51 24.68 -28.50
CA ASN A 444 -23.36 25.42 -29.75
C ASN A 444 -24.62 25.37 -30.62
N ILE A 445 -25.80 25.36 -29.99
CA ILE A 445 -27.05 25.63 -30.69
C ILE A 445 -27.77 26.76 -29.93
N PRO A 446 -28.67 27.48 -30.58
CA PRO A 446 -29.32 28.61 -29.90
C PRO A 446 -30.52 28.19 -29.04
N TYR A 447 -30.78 29.01 -28.03
CA TYR A 447 -31.96 28.92 -27.17
C TYR A 447 -32.57 30.31 -27.10
N VAL A 448 -33.71 30.49 -27.73
CA VAL A 448 -34.27 31.81 -27.96
C VAL A 448 -35.74 31.81 -27.55
N LYS A 449 -36.17 30.77 -26.84
CA LYS A 449 -37.58 30.60 -26.52
C LYS A 449 -37.93 31.16 -25.14
N ALA A 450 -36.99 31.13 -24.20
CA ALA A 450 -37.22 31.68 -22.89
C ALA A 450 -35.93 32.32 -22.42
N PRO A 451 -35.99 33.52 -21.85
CA PRO A 451 -34.78 34.22 -21.43
C PRO A 451 -34.23 33.66 -20.12
N ASP A 452 -32.96 33.98 -19.84
CA ASP A 452 -32.30 33.49 -18.64
C ASP A 452 -32.45 34.49 -17.50
N THR A 453 -31.72 34.26 -16.40
CA THR A 453 -31.87 35.06 -15.19
C THR A 453 -31.39 36.49 -15.35
N HIS A 454 -30.70 36.79 -16.45
CA HIS A 454 -30.26 38.15 -16.76
C HIS A 454 -31.04 38.77 -17.91
N GLY A 455 -32.04 38.08 -18.43
CA GLY A 455 -32.89 38.58 -19.50
C GLY A 455 -32.45 38.27 -20.92
N ASN A 456 -31.47 37.38 -21.12
CA ASN A 456 -30.88 37.16 -22.42
C ASN A 456 -31.18 35.78 -22.97
N MET A 457 -31.10 35.69 -24.30
CA MET A 457 -31.15 34.42 -25.00
C MET A 457 -29.72 33.94 -25.21
N TRP A 458 -29.58 32.79 -25.88
CA TRP A 458 -28.30 32.16 -26.19
C TRP A 458 -28.20 32.02 -27.70
N VAL A 459 -27.30 32.77 -28.32
CA VAL A 459 -27.11 32.73 -29.77
C VAL A 459 -25.62 32.55 -30.03
N PRO A 460 -25.13 31.31 -30.18
CA PRO A 460 -23.71 30.94 -30.38
C PRO A 460 -23.02 31.68 -31.52
N ASN B 15 19.51 2.90 15.07
CA ASN B 15 18.97 2.02 14.03
C ASN B 15 17.47 2.21 13.85
N PRO B 16 17.00 2.10 12.62
CA PRO B 16 15.55 2.05 12.40
C PRO B 16 15.04 0.63 12.27
N PHE B 17 15.94 -0.34 12.09
CA PHE B 17 15.45 -1.62 11.61
C PHE B 17 14.85 -2.47 12.71
N GLN B 18 15.27 -2.25 13.95
CA GLN B 18 14.76 -3.01 15.11
C GLN B 18 14.89 -4.51 14.88
N PHE B 19 16.02 -4.90 14.32
CA PHE B 19 16.37 -6.31 14.13
C PHE B 19 17.43 -6.65 15.16
N TYR B 20 17.15 -7.67 15.98
CA TYR B 20 18.03 -8.03 17.09
C TYR B 20 18.43 -9.50 17.01
N LEU B 21 19.54 -9.84 17.65
CA LEU B 21 19.87 -11.23 17.93
C LEU B 21 19.58 -11.54 19.39
N THR B 22 19.35 -12.81 19.69
CA THR B 22 19.20 -13.22 21.08
C THR B 22 20.57 -13.25 21.76
N ARG B 23 20.53 -13.15 23.08
CA ARG B 23 21.76 -13.19 23.88
C ARG B 23 22.36 -14.59 23.86
N VAL B 24 23.70 -14.65 23.83
CA VAL B 24 24.41 -15.92 23.76
C VAL B 24 25.33 -15.99 24.98
N SER B 25 25.14 -17.02 25.81
CA SER B 25 26.02 -17.23 26.95
C SER B 25 27.33 -17.84 26.47
N GLY B 26 28.44 -17.31 26.97
CA GLY B 26 29.74 -17.83 26.60
C GLY B 26 30.47 -17.08 25.51
N VAL B 27 29.97 -15.93 25.08
CA VAL B 27 30.72 -14.98 24.26
C VAL B 27 31.00 -13.76 25.13
N LYS B 28 31.99 -12.97 24.68
CA LYS B 28 32.34 -11.75 25.39
C LYS B 28 31.15 -10.80 25.42
N PRO B 29 31.04 -9.97 26.46
CA PRO B 29 29.88 -9.06 26.57
C PRO B 29 29.72 -8.12 25.38
N LYS B 30 30.80 -7.76 24.68
CA LYS B 30 30.67 -6.87 23.53
C LYS B 30 29.78 -7.47 22.45
N TYR B 31 29.70 -8.80 22.39
CA TYR B 31 28.85 -9.50 21.43
C TYR B 31 27.42 -9.71 21.92
N ASN B 32 27.10 -9.26 23.12
CA ASN B 32 25.72 -9.28 23.62
C ASN B 32 25.18 -7.89 23.85
N SER B 33 25.95 -6.85 23.49
CA SER B 33 25.59 -5.48 23.82
C SER B 33 24.24 -5.11 23.21
N GLY B 34 24.09 -5.28 21.90
CA GLY B 34 22.81 -5.00 21.29
C GLY B 34 21.85 -6.16 21.24
N ALA B 35 22.05 -7.22 22.01
CA ALA B 35 21.25 -8.44 21.92
C ALA B 35 20.13 -8.43 22.95
N LEU B 36 19.16 -9.33 22.76
CA LEU B 36 17.95 -9.36 23.59
C LEU B 36 17.70 -10.76 24.10
N HIS B 37 17.54 -10.89 25.41
CA HIS B 37 17.00 -12.10 26.00
C HIS B 37 15.49 -11.98 26.12
N ILE B 38 14.81 -13.13 26.17
CA ILE B 38 13.35 -13.10 26.29
C ILE B 38 12.93 -12.30 27.52
N LYS B 39 13.71 -12.36 28.61
CA LYS B 39 13.40 -11.55 29.78
C LYS B 39 13.44 -10.07 29.47
N ASP B 40 14.32 -9.66 28.55
CA ASP B 40 14.35 -8.25 28.14
C ASP B 40 13.09 -7.89 27.38
N ILE B 41 12.63 -8.80 26.50
CA ILE B 41 11.45 -8.52 25.71
C ILE B 41 10.23 -8.30 26.62
N LEU B 42 10.08 -9.13 27.63
CA LEU B 42 8.90 -9.09 28.49
C LEU B 42 9.06 -8.16 29.69
N SER B 43 10.17 -7.41 29.76
CA SER B 43 10.44 -6.52 30.88
C SER B 43 9.36 -5.43 31.01
N PRO B 44 9.13 -4.91 32.21
N PRO B 44 9.13 -4.92 32.21
CA PRO B 44 8.17 -3.79 32.35
CA PRO B 44 8.16 -3.80 32.36
C PRO B 44 8.62 -2.51 31.68
C PRO B 44 8.63 -2.52 31.69
N LEU B 45 9.91 -2.39 31.35
CA LEU B 45 10.37 -1.21 30.65
C LEU B 45 9.79 -1.13 29.24
N PHE B 46 9.40 -2.27 28.66
CA PHE B 46 8.74 -2.31 27.37
C PHE B 46 7.26 -1.97 27.44
N GLY B 47 6.70 -1.85 28.65
CA GLY B 47 5.27 -1.57 28.83
C GLY B 47 4.67 -2.30 30.02
N THR B 48 3.39 -2.03 30.32
CA THR B 48 2.67 -2.65 31.43
C THR B 48 1.73 -3.72 30.88
N LEU B 49 2.12 -4.98 31.03
CA LEU B 49 1.49 -6.07 30.29
C LEU B 49 0.08 -6.35 30.79
N VAL B 50 -0.84 -6.59 29.85
CA VAL B 50 -2.23 -6.88 30.15
C VAL B 50 -2.60 -8.30 29.75
N SER B 51 -2.12 -8.75 28.59
CA SER B 51 -2.37 -10.07 28.05
C SER B 51 -1.29 -10.33 27.02
N SER B 52 -1.13 -11.60 26.64
CA SER B 52 -0.15 -11.91 25.62
C SER B 52 -0.54 -13.18 24.90
N ALA B 53 -0.08 -13.29 23.67
CA ALA B 53 -0.22 -14.49 22.88
C ALA B 53 1.17 -14.93 22.49
N GLN B 54 1.42 -16.24 22.59
CA GLN B 54 2.69 -16.85 22.25
C GLN B 54 2.43 -17.87 21.15
N PHE B 55 2.72 -17.48 19.93
CA PHE B 55 2.72 -18.42 18.81
C PHE B 55 4.07 -19.10 18.81
N ASN B 56 4.09 -20.43 18.71
CA ASN B 56 5.37 -21.13 18.62
C ASN B 56 5.14 -22.57 18.21
N TYR B 57 6.24 -23.30 18.07
CA TYR B 57 6.22 -24.72 17.77
C TYR B 57 6.31 -25.56 19.04
N CYS B 58 7.32 -25.31 19.88
CA CYS B 58 7.61 -26.09 21.07
C CYS B 58 7.65 -25.15 22.27
N PHE B 59 7.16 -25.64 23.41
CA PHE B 59 6.97 -24.82 24.61
C PHE B 59 7.49 -25.56 25.85
N ASP B 60 8.17 -24.83 26.73
CA ASP B 60 8.43 -25.25 28.10
C ASP B 60 7.65 -24.27 28.99
N VAL B 61 6.42 -24.65 29.35
CA VAL B 61 5.53 -23.70 30.00
C VAL B 61 6.08 -23.26 31.34
N ASP B 62 6.62 -24.21 32.12
N ASP B 62 6.64 -24.20 32.11
CA ASP B 62 7.25 -23.84 33.39
CA ASP B 62 7.24 -23.84 33.39
C ASP B 62 8.36 -22.81 33.15
C ASP B 62 8.37 -22.84 33.19
N TRP B 63 9.25 -23.09 32.20
CA TRP B 63 10.29 -22.12 31.86
C TRP B 63 9.67 -20.81 31.36
N LEU B 64 8.69 -20.92 30.47
CA LEU B 64 8.10 -19.73 29.84
C LEU B 64 7.56 -18.75 30.88
N VAL B 65 6.79 -19.26 31.85
CA VAL B 65 6.19 -18.38 32.84
C VAL B 65 7.26 -17.68 33.67
N LYS B 66 8.37 -18.37 33.96
CA LYS B 66 9.45 -17.72 34.70
C LYS B 66 10.15 -16.64 33.88
N GLN B 67 9.97 -16.63 32.56
CA GLN B 67 10.57 -15.56 31.76
C GLN B 67 9.78 -14.25 31.88
N TYR B 68 8.48 -14.33 32.21
CA TYR B 68 7.72 -13.12 32.47
C TYR B 68 8.15 -12.54 33.82
N PRO B 69 8.12 -11.21 33.96
CA PRO B 69 8.40 -10.63 35.27
C PRO B 69 7.37 -11.09 36.28
N PRO B 70 7.73 -11.16 37.56
CA PRO B 70 6.78 -11.67 38.56
C PRO B 70 5.45 -10.93 38.57
N GLU B 71 5.46 -9.61 38.41
CA GLU B 71 4.22 -8.83 38.45
C GLU B 71 3.29 -9.15 37.28
N PHE B 72 3.84 -9.61 36.16
CA PHE B 72 3.03 -9.94 34.99
C PHE B 72 2.67 -11.40 34.93
N ARG B 73 3.13 -12.21 35.89
CA ARG B 73 3.10 -13.65 35.72
C ARG B 73 1.70 -14.23 35.76
N LYS B 74 0.71 -13.49 36.25
CA LYS B 74 -0.66 -13.98 36.31
C LYS B 74 -1.55 -13.46 35.18
N LYS B 75 -1.04 -12.59 34.31
CA LYS B 75 -1.84 -12.08 33.20
C LYS B 75 -2.15 -13.20 32.20
N PRO B 76 -3.25 -13.09 31.48
CA PRO B 76 -3.62 -14.15 30.53
C PRO B 76 -2.54 -14.38 29.49
N ILE B 77 -2.32 -15.65 29.16
CA ILE B 77 -1.39 -16.06 28.12
C ILE B 77 -2.12 -17.02 27.21
N LEU B 78 -2.07 -16.77 25.91
CA LEU B 78 -2.59 -17.68 24.91
C LEU B 78 -1.44 -18.39 24.23
N LEU B 79 -1.45 -19.71 24.24
CA LEU B 79 -0.45 -20.51 23.56
C LEU B 79 -1.04 -21.00 22.24
N VAL B 80 -0.43 -20.63 21.12
CA VAL B 80 -0.87 -21.07 19.81
C VAL B 80 0.14 -22.09 19.30
N HIS B 81 -0.33 -23.32 19.12
CA HIS B 81 0.50 -24.47 18.78
C HIS B 81 -0.21 -25.28 17.70
N GLY B 82 0.47 -26.31 17.21
CA GLY B 82 -0.13 -27.21 16.24
C GLY B 82 -0.11 -28.66 16.70
N ASP B 83 0.05 -28.87 17.99
CA ASP B 83 0.20 -30.23 18.53
C ASP B 83 -1.13 -30.97 18.49
N LYS B 84 -1.08 -32.26 18.16
CA LYS B 84 -2.26 -33.12 18.10
C LYS B 84 -2.12 -34.29 19.05
N ARG B 85 -3.23 -35.00 19.25
CA ARG B 85 -3.27 -36.29 19.96
C ARG B 85 -2.50 -36.28 21.27
N GLU B 86 -1.52 -37.17 21.42
CA GLU B 86 -0.81 -37.26 22.70
C GLU B 86 0.07 -36.05 22.93
N ALA B 87 0.77 -35.57 21.89
CA ALA B 87 1.52 -34.33 22.00
C ALA B 87 0.64 -33.19 22.50
N LYS B 88 -0.58 -33.08 21.96
CA LYS B 88 -1.51 -32.06 22.44
C LYS B 88 -1.85 -32.28 23.91
N ALA B 89 -2.11 -33.53 24.29
CA ALA B 89 -2.38 -33.83 25.69
C ALA B 89 -1.23 -33.38 26.57
N HIS B 90 0.00 -33.69 26.17
CA HIS B 90 1.16 -33.32 26.98
C HIS B 90 1.27 -31.81 27.17
N LEU B 91 1.03 -31.03 26.10
CA LEU B 91 1.09 -29.58 26.24
C LEU B 91 0.01 -29.06 27.18
N HIS B 92 -1.21 -29.59 27.05
CA HIS B 92 -2.26 -29.23 28.01
C HIS B 92 -1.86 -29.58 29.44
N ALA B 93 -1.20 -30.75 29.61
CA ALA B 93 -0.70 -31.12 30.94
C ALA B 93 0.25 -30.06 31.47
N GLN B 94 1.23 -29.64 30.66
CA GLN B 94 2.16 -28.60 31.07
C GLN B 94 1.44 -27.35 31.54
N ALA B 95 0.33 -27.00 30.88
CA ALA B 95 -0.32 -25.72 31.13
C ALA B 95 -1.26 -25.76 32.32
N LYS B 96 -1.79 -26.94 32.66
CA LYS B 96 -2.85 -27.03 33.66
C LYS B 96 -2.54 -26.35 34.99
N PRO B 97 -1.32 -26.38 35.53
CA PRO B 97 -1.07 -25.67 36.80
C PRO B 97 -1.26 -24.17 36.74
N TYR B 98 -1.32 -23.57 35.55
CA TYR B 98 -1.39 -22.11 35.39
C TYR B 98 -2.77 -21.75 34.86
N GLU B 99 -3.62 -21.19 35.72
CA GLU B 99 -5.01 -20.92 35.38
C GLU B 99 -5.17 -19.80 34.35
N ASN B 100 -4.18 -18.92 34.22
CA ASN B 100 -4.24 -17.82 33.26
C ASN B 100 -3.85 -18.23 31.84
N ILE B 101 -3.47 -19.48 31.62
CA ILE B 101 -2.92 -19.90 30.35
C ILE B 101 -3.98 -20.65 29.56
N SER B 102 -4.31 -20.13 28.39
N SER B 102 -4.32 -20.12 28.39
CA SER B 102 -5.24 -20.77 27.47
CA SER B 102 -5.25 -20.73 27.45
C SER B 102 -4.47 -21.24 26.24
C SER B 102 -4.48 -21.21 26.23
N LEU B 103 -5.08 -22.17 25.51
CA LEU B 103 -4.41 -22.82 24.41
C LEU B 103 -5.27 -22.81 23.16
N CYS B 104 -4.63 -22.59 22.02
CA CYS B 104 -5.29 -22.61 20.72
C CYS B 104 -4.54 -23.57 19.82
N GLN B 105 -5.23 -24.59 19.33
CA GLN B 105 -4.64 -25.60 18.46
C GLN B 105 -4.88 -25.17 17.02
N ALA B 106 -3.83 -24.64 16.38
CA ALA B 106 -3.91 -24.30 14.97
C ALA B 106 -4.18 -25.54 14.14
N LYS B 107 -5.20 -25.47 13.28
CA LYS B 107 -5.55 -26.65 12.52
C LYS B 107 -4.51 -26.91 11.44
N LEU B 108 -4.14 -28.19 11.31
CA LEU B 108 -3.14 -28.64 10.35
C LEU B 108 -3.80 -29.72 9.52
N ASP B 109 -4.62 -29.31 8.56
CA ASP B 109 -5.50 -30.24 7.89
C ASP B 109 -4.88 -30.83 6.64
N ILE B 110 -3.64 -30.49 6.30
CA ILE B 110 -2.91 -31.17 5.24
C ILE B 110 -1.79 -31.96 5.89
N ALA B 111 -1.51 -33.15 5.35
CA ALA B 111 -0.56 -34.07 5.97
C ALA B 111 0.82 -33.45 6.06
N PHE B 112 1.51 -33.76 7.18
CA PHE B 112 2.92 -33.43 7.37
C PHE B 112 3.14 -31.92 7.47
N GLY B 113 2.20 -31.23 8.08
CA GLY B 113 2.32 -29.81 8.32
C GLY B 113 2.71 -29.51 9.75
N THR B 114 3.37 -28.38 9.93
CA THR B 114 3.86 -27.93 11.23
C THR B 114 3.40 -26.50 11.46
N HIS B 115 3.15 -26.17 12.73
CA HIS B 115 2.94 -24.76 13.09
C HIS B 115 4.28 -24.21 13.53
N HIS B 116 5.01 -23.59 12.59
CA HIS B 116 6.36 -23.10 12.86
C HIS B 116 6.40 -21.66 13.35
N THR B 117 5.35 -20.89 13.08
CA THR B 117 5.32 -19.45 13.35
C THR B 117 5.75 -19.14 14.77
N LYS B 118 6.68 -18.19 14.92
CA LYS B 118 7.12 -17.73 16.22
C LYS B 118 6.81 -16.25 16.35
N MET B 119 5.84 -15.93 17.20
CA MET B 119 5.37 -14.56 17.31
C MET B 119 4.86 -14.33 18.71
N MET B 120 5.12 -13.14 19.23
CA MET B 120 4.50 -12.67 20.46
C MET B 120 3.58 -11.51 20.13
N LEU B 121 2.34 -11.57 20.62
CA LEU B 121 1.48 -10.39 20.68
C LEU B 121 1.42 -9.93 22.13
N LEU B 122 1.80 -8.69 22.37
CA LEU B 122 1.96 -8.16 23.72
C LEU B 122 1.04 -6.96 23.89
N LEU B 123 -0.04 -7.15 24.64
CA LEU B 123 -0.99 -6.07 24.88
C LEU B 123 -0.63 -5.37 26.19
N TYR B 124 -0.39 -4.07 26.12
CA TYR B 124 -0.05 -3.23 27.27
C TYR B 124 -1.16 -2.22 27.57
N GLU B 125 -1.09 -1.64 28.77
CA GLU B 125 -1.90 -0.47 29.08
C GLU B 125 -1.58 0.69 28.14
N GLU B 126 -0.33 0.79 27.70
CA GLU B 126 0.08 1.91 26.85
C GLU B 126 -0.05 1.62 25.36
N GLY B 127 -0.34 0.38 24.97
CA GLY B 127 -0.40 0.10 23.55
C GLY B 127 -0.21 -1.39 23.29
N LEU B 128 0.26 -1.68 22.07
CA LEU B 128 0.39 -3.05 21.59
C LEU B 128 1.76 -3.21 20.94
N ARG B 129 2.39 -4.36 21.14
CA ARG B 129 3.64 -4.68 20.47
C ARG B 129 3.55 -6.04 19.82
N VAL B 130 4.18 -6.17 18.65
CA VAL B 130 4.28 -7.42 17.92
C VAL B 130 5.75 -7.79 17.87
N VAL B 131 6.06 -9.03 18.21
CA VAL B 131 7.40 -9.57 18.12
C VAL B 131 7.37 -10.76 17.19
N ILE B 132 8.16 -10.72 16.13
CA ILE B 132 8.28 -11.86 15.23
C ILE B 132 9.71 -12.35 15.31
N HIS B 133 9.91 -13.62 15.61
CA HIS B 133 11.25 -14.08 15.97
C HIS B 133 11.42 -15.53 15.55
N THR B 134 12.56 -16.13 15.93
CA THR B 134 12.88 -17.45 15.41
C THR B 134 13.05 -18.52 16.49
N SER B 135 12.86 -18.21 17.76
CA SER B 135 13.20 -19.10 18.87
C SER B 135 11.99 -19.88 19.38
N ASN B 136 12.16 -21.18 19.58
CA ASN B 136 11.19 -21.93 20.37
C ASN B 136 11.20 -21.43 21.82
N LEU B 137 10.12 -21.75 22.54
CA LEU B 137 9.98 -21.22 23.90
C LEU B 137 10.50 -22.25 24.91
N ILE B 138 11.80 -22.52 24.80
CA ILE B 138 12.52 -23.45 25.67
C ILE B 138 13.90 -22.85 25.94
N HIS B 139 14.50 -23.25 27.06
CA HIS B 139 15.76 -22.62 27.47
C HIS B 139 16.83 -22.76 26.41
N ALA B 140 16.96 -23.94 25.80
CA ALA B 140 18.05 -24.21 24.88
C ALA B 140 18.07 -23.25 23.70
N ASP B 141 16.88 -22.76 23.28
CA ASP B 141 16.83 -21.91 22.09
C ASP B 141 17.28 -20.49 22.35
N TRP B 142 17.30 -20.05 23.60
CA TRP B 142 17.78 -18.72 23.96
C TRP B 142 19.14 -18.76 24.65
N HIS B 143 19.83 -19.89 24.62
CA HIS B 143 21.05 -20.04 25.41
C HIS B 143 22.30 -19.77 24.57
N GLN B 144 22.63 -20.67 23.64
CA GLN B 144 23.85 -20.56 22.87
C GLN B 144 23.59 -20.67 21.37
N LYS B 145 22.43 -20.19 20.90
CA LYS B 145 22.09 -20.24 19.49
C LYS B 145 22.07 -18.83 18.91
N THR B 146 22.25 -18.76 17.59
CA THR B 146 22.00 -17.53 16.84
C THR B 146 20.52 -17.53 16.46
N GLN B 147 19.77 -16.59 17.02
CA GLN B 147 18.35 -16.42 16.77
C GLN B 147 18.09 -14.96 16.42
N GLY B 148 17.02 -14.72 15.67
CA GLY B 148 16.68 -13.38 15.25
C GLY B 148 15.34 -12.91 15.78
N ILE B 149 15.24 -11.60 16.01
CA ILE B 149 14.06 -10.94 16.58
C ILE B 149 13.78 -9.66 15.81
N TRP B 150 12.53 -9.45 15.42
CA TRP B 150 12.05 -8.15 15.00
C TRP B 150 11.09 -7.60 16.04
N LEU B 151 11.34 -6.39 16.51
CA LEU B 151 10.49 -5.70 17.47
C LEU B 151 9.70 -4.60 16.78
N SER B 152 8.38 -4.70 16.82
CA SER B 152 7.52 -3.61 16.37
C SER B 152 7.69 -2.39 17.27
N PRO B 153 7.34 -1.19 16.78
CA PRO B 153 7.14 -0.06 17.69
C PRO B 153 6.03 -0.37 18.66
N LEU B 154 5.93 0.50 19.68
CA LEU B 154 4.75 0.49 20.54
C LEU B 154 3.60 1.13 19.77
N TYR B 155 2.60 0.35 19.45
CA TYR B 155 1.46 0.84 18.69
C TYR B 155 0.45 1.43 19.66
N PRO B 156 0.12 2.72 19.56
CA PRO B 156 -0.91 3.29 20.46
C PRO B 156 -2.31 2.84 20.06
N ARG B 157 -3.24 2.91 21.02
CA ARG B 157 -4.63 2.57 20.73
C ARG B 157 -5.27 3.73 19.97
N ILE B 158 -6.16 3.40 19.03
CA ILE B 158 -6.84 4.48 18.32
C ILE B 158 -7.88 5.09 19.26
N ALA B 159 -7.84 6.43 19.37
CA ALA B 159 -8.79 7.14 20.20
C ALA B 159 -10.22 6.66 19.95
N ASP B 160 -10.96 6.41 21.02
CA ASP B 160 -12.34 5.96 20.88
C ASP B 160 -13.18 7.04 20.21
N GLY B 161 -14.15 6.61 19.41
CA GLY B 161 -14.90 7.52 18.57
C GLY B 161 -14.15 8.04 17.36
N THR B 162 -12.85 7.80 17.27
CA THR B 162 -12.06 8.18 16.10
C THR B 162 -12.10 7.08 15.06
N HIS B 163 -12.22 7.47 13.80
CA HIS B 163 -12.26 6.54 12.67
C HIS B 163 -11.01 6.75 11.83
N LYS B 164 -10.00 5.90 12.04
CA LYS B 164 -8.76 5.93 11.28
C LYS B 164 -8.41 4.49 10.92
N SER B 165 -7.65 4.32 9.85
CA SER B 165 -7.29 2.96 9.46
C SER B 165 -6.25 2.40 10.42
N GLY B 166 -5.34 3.25 10.91
CA GLY B 166 -4.17 2.77 11.62
C GLY B 166 -3.26 1.92 10.77
N GLU B 167 -3.33 2.06 9.45
CA GLU B 167 -2.61 1.20 8.52
C GLU B 167 -1.27 1.81 8.11
N SER B 168 -0.29 0.94 7.80
CA SER B 168 1.05 1.33 7.40
C SER B 168 1.18 1.33 5.89
N PRO B 169 2.15 2.07 5.36
CA PRO B 169 2.42 1.99 3.91
C PRO B 169 2.79 0.59 3.45
N THR B 170 3.20 -0.29 4.36
CA THR B 170 3.48 -1.68 4.01
C THR B 170 2.27 -2.59 4.18
N HIS B 171 1.10 -2.05 4.55
CA HIS B 171 -0.14 -2.81 4.70
C HIS B 171 -0.04 -3.82 5.83
N PHE B 172 0.86 -3.59 6.78
CA PHE B 172 1.17 -4.58 7.80
C PHE B 172 -0.05 -4.93 8.65
N LYS B 173 -0.86 -3.93 9.01
CA LYS B 173 -2.00 -4.18 9.88
C LYS B 173 -2.99 -5.13 9.21
N ALA B 174 -3.44 -4.82 8.00
CA ALA B 174 -4.34 -5.73 7.30
C ALA B 174 -3.70 -7.11 7.08
N ASP B 175 -2.41 -7.13 6.74
CA ASP B 175 -1.76 -8.40 6.43
C ASP B 175 -1.64 -9.28 7.67
N LEU B 176 -1.40 -8.66 8.84
CA LEU B 176 -1.37 -9.43 10.07
C LEU B 176 -2.76 -9.97 10.42
N ILE B 177 -3.78 -9.12 10.31
CA ILE B 177 -5.14 -9.57 10.56
C ILE B 177 -5.50 -10.71 9.63
N SER B 178 -5.09 -10.61 8.36
N SER B 178 -5.11 -10.60 8.36
CA SER B 178 -5.38 -11.67 7.40
CA SER B 178 -5.39 -11.68 7.40
C SER B 178 -4.67 -12.96 7.76
C SER B 178 -4.68 -12.96 7.80
N TYR B 179 -3.42 -12.86 8.21
CA TYR B 179 -2.70 -14.04 8.68
C TYR B 179 -3.45 -14.70 9.83
N LEU B 180 -3.85 -13.91 10.83
CA LEU B 180 -4.56 -14.47 11.97
C LEU B 180 -5.94 -15.02 11.59
N MET B 181 -6.58 -14.42 10.58
N MET B 181 -6.57 -14.42 10.58
CA MET B 181 -7.92 -14.89 10.21
CA MET B 181 -7.91 -14.86 10.18
C MET B 181 -7.87 -16.28 9.59
C MET B 181 -7.87 -16.27 9.60
N ALA B 182 -6.75 -16.65 8.97
CA ALA B 182 -6.64 -17.96 8.36
C ALA B 182 -6.66 -19.10 9.38
N TYR B 183 -6.46 -18.79 10.66
CA TYR B 183 -6.57 -19.82 11.69
C TYR B 183 -8.02 -20.22 11.93
N ASN B 184 -8.96 -19.30 11.70
N ASN B 184 -8.96 -19.30 11.70
CA ASN B 184 -10.37 -19.57 11.97
CA ASN B 184 -10.38 -19.53 11.99
C ASN B 184 -10.59 -19.97 13.43
C ASN B 184 -10.57 -19.98 13.43
N ALA B 185 -9.91 -19.27 14.35
CA ALA B 185 -9.87 -19.64 15.73
C ALA B 185 -10.53 -18.58 16.59
N PRO B 186 -11.41 -18.94 17.52
CA PRO B 186 -12.09 -17.91 18.32
C PRO B 186 -11.15 -17.12 19.20
N SER B 187 -10.11 -17.75 19.77
CA SER B 187 -9.19 -16.99 20.62
C SER B 187 -8.42 -15.96 19.82
N LEU B 188 -8.20 -16.23 18.53
CA LEU B 188 -7.43 -15.32 17.69
C LEU B 188 -8.31 -14.21 17.10
N LYS B 189 -9.62 -14.45 16.95
CA LYS B 189 -10.51 -13.35 16.61
C LYS B 189 -10.46 -12.27 17.69
N GLU B 190 -10.30 -12.68 18.95
CA GLU B 190 -10.14 -11.70 20.02
C GLU B 190 -8.89 -10.85 19.82
N TRP B 191 -7.79 -11.45 19.37
CA TRP B 191 -6.58 -10.66 19.13
C TRP B 191 -6.72 -9.80 17.88
N ILE B 192 -7.44 -10.30 16.86
CA ILE B 192 -7.75 -9.49 15.69
C ILE B 192 -8.47 -8.21 16.09
N ASP B 193 -9.49 -8.32 16.95
CA ASP B 193 -10.20 -7.14 17.41
C ASP B 193 -9.29 -6.19 18.18
N VAL B 194 -8.31 -6.73 18.90
CA VAL B 194 -7.33 -5.88 19.58
C VAL B 194 -6.50 -5.11 18.56
N ILE B 195 -6.01 -5.81 17.53
CA ILE B 195 -5.19 -5.14 16.52
C ILE B 195 -6.01 -4.07 15.80
N HIS B 196 -7.28 -4.37 15.48
CA HIS B 196 -8.14 -3.38 14.86
C HIS B 196 -8.14 -2.07 15.63
N LYS B 197 -8.09 -2.15 16.96
CA LYS B 197 -8.17 -0.93 17.76
C LYS B 197 -6.85 -0.19 17.91
N HIS B 198 -5.76 -0.67 17.32
CA HIS B 198 -4.49 0.01 17.46
C HIS B 198 -4.01 0.59 16.14
N ASP B 199 -3.09 1.57 16.26
CA ASP B 199 -2.54 2.31 15.13
C ASP B 199 -1.17 1.72 14.80
N LEU B 200 -1.11 0.98 13.69
CA LEU B 200 0.11 0.32 13.28
C LEU B 200 0.82 1.05 12.14
N SER B 201 0.51 2.32 11.94
CA SER B 201 0.96 3.05 10.76
C SER B 201 2.47 3.24 10.71
N GLU B 202 3.17 3.17 11.85
CA GLU B 202 4.61 3.35 11.83
C GLU B 202 5.38 2.13 11.33
N THR B 203 4.70 1.02 11.05
CA THR B 203 5.38 -0.21 10.65
C THR B 203 6.03 -0.05 9.27
N ASN B 204 7.31 -0.40 9.18
N ASN B 204 7.32 -0.40 9.16
CA ASN B 204 8.10 -0.25 7.95
CA ASN B 204 7.99 -0.27 7.87
C ASN B 204 8.54 -1.58 7.37
C ASN B 204 8.56 -1.58 7.39
N VAL B 205 8.04 -2.70 7.88
CA VAL B 205 8.35 -4.01 7.31
C VAL B 205 7.07 -4.57 6.68
N TYR B 206 7.27 -5.47 5.71
CA TYR B 206 6.19 -6.24 5.08
C TYR B 206 6.08 -7.61 5.76
N LEU B 207 4.85 -8.06 5.99
CA LEU B 207 4.64 -9.38 6.59
C LEU B 207 4.63 -10.45 5.51
N ILE B 208 5.37 -11.53 5.71
CA ILE B 208 5.37 -12.67 4.79
C ILE B 208 4.98 -13.91 5.60
N GLY B 209 3.74 -14.35 5.45
CA GLY B 209 3.30 -15.55 6.13
C GLY B 209 3.06 -16.74 5.22
N SER B 210 3.04 -17.93 5.80
CA SER B 210 2.55 -19.13 5.15
C SER B 210 1.43 -19.68 6.01
N THR B 211 0.39 -20.20 5.39
N THR B 211 0.37 -20.15 5.39
CA THR B 211 -0.70 -20.86 6.10
CA THR B 211 -0.70 -20.86 6.10
C THR B 211 -1.11 -22.09 5.31
C THR B 211 -1.06 -22.10 5.31
N PRO B 212 -1.57 -23.14 5.98
CA PRO B 212 -1.88 -24.38 5.25
C PRO B 212 -3.02 -24.20 4.26
N GLY B 213 -2.87 -24.79 3.08
CA GLY B 213 -3.98 -24.88 2.14
C GLY B 213 -3.50 -24.99 0.71
N ARG B 214 -4.48 -24.95 -0.19
N ARG B 214 -4.48 -24.93 -0.19
CA ARG B 214 -4.25 -25.01 -1.64
CA ARG B 214 -4.24 -25.01 -1.64
C ARG B 214 -4.85 -23.74 -2.24
C ARG B 214 -4.86 -23.77 -2.27
N PHE B 215 -3.99 -22.85 -2.71
CA PHE B 215 -4.40 -21.52 -3.12
C PHE B 215 -4.32 -21.37 -4.62
N GLN B 216 -5.34 -20.72 -5.19
CA GLN B 216 -5.44 -20.55 -6.63
C GLN B 216 -5.97 -19.15 -6.92
N GLY B 217 -5.70 -18.68 -8.14
CA GLY B 217 -6.23 -17.39 -8.56
C GLY B 217 -5.68 -16.25 -7.73
N SER B 218 -6.58 -15.37 -7.27
CA SER B 218 -6.15 -14.23 -6.47
C SER B 218 -5.37 -14.68 -5.24
N GLN B 219 -5.92 -15.65 -4.50
CA GLN B 219 -5.35 -16.08 -3.23
C GLN B 219 -3.92 -16.60 -3.35
N LYS B 220 -3.46 -16.91 -4.56
CA LYS B 220 -2.12 -17.49 -4.71
C LYS B 220 -1.03 -16.56 -4.20
N ASP B 221 -1.23 -15.25 -4.29
CA ASP B 221 -0.21 -14.26 -3.95
C ASP B 221 -0.16 -13.94 -2.46
N ASN B 222 -1.00 -14.58 -1.65
CA ASN B 222 -1.11 -14.18 -0.26
C ASN B 222 -0.03 -14.78 0.62
N TRP B 223 0.59 -15.89 0.20
CA TRP B 223 1.37 -16.72 1.12
C TRP B 223 2.63 -17.24 0.44
N GLY B 224 3.59 -17.65 1.27
CA GLY B 224 4.77 -18.39 0.84
C GLY B 224 5.61 -17.64 -0.17
N HIS B 225 6.24 -18.41 -1.08
CA HIS B 225 7.18 -17.75 -1.97
C HIS B 225 6.45 -16.91 -3.03
N PHE B 226 5.17 -17.18 -3.28
CA PHE B 226 4.41 -16.29 -4.17
C PHE B 226 4.13 -14.94 -3.50
N ARG B 227 3.90 -14.94 -2.19
CA ARG B 227 3.81 -13.68 -1.44
C ARG B 227 5.09 -12.87 -1.57
N LEU B 228 6.25 -13.53 -1.38
CA LEU B 228 7.52 -12.83 -1.54
C LEU B 228 7.66 -12.30 -2.97
N LYS B 229 7.37 -13.13 -3.96
CA LYS B 229 7.50 -12.67 -5.35
C LYS B 229 6.64 -11.45 -5.61
N LYS B 230 5.42 -11.42 -5.08
CA LYS B 230 4.52 -10.30 -5.33
C LYS B 230 5.07 -9.02 -4.71
N LEU B 231 5.61 -9.10 -3.50
CA LEU B 231 6.16 -7.92 -2.85
C LEU B 231 7.41 -7.41 -3.59
N LEU B 232 8.25 -8.34 -4.07
CA LEU B 232 9.46 -7.92 -4.77
C LEU B 232 9.13 -7.27 -6.11
N LYS B 233 8.05 -7.71 -6.75
CA LYS B 233 7.66 -7.11 -8.01
C LYS B 233 7.06 -5.73 -7.79
N ASP B 234 6.24 -5.58 -6.74
CA ASP B 234 5.53 -4.33 -6.50
C ASP B 234 6.37 -3.27 -5.79
N HIS B 235 7.39 -3.65 -5.01
CA HIS B 235 8.04 -2.70 -4.12
C HIS B 235 9.55 -2.70 -4.16
N ALA B 236 10.17 -3.47 -5.06
CA ALA B 236 11.59 -3.38 -5.35
C ALA B 236 11.77 -3.07 -6.82
N SER B 237 12.91 -2.48 -7.16
CA SER B 237 13.24 -2.18 -8.55
C SER B 237 14.42 -3.01 -9.00
N SER B 238 14.44 -3.36 -10.28
CA SER B 238 15.53 -4.14 -10.85
C SER B 238 16.64 -3.20 -11.29
N MET B 239 17.86 -3.49 -10.85
CA MET B 239 19.03 -2.68 -11.18
C MET B 239 19.71 -3.21 -12.43
N PRO B 240 20.66 -2.48 -13.01
CA PRO B 240 21.46 -3.05 -14.09
C PRO B 240 22.30 -4.20 -13.55
N ASN B 241 22.53 -5.19 -14.41
CA ASN B 241 23.33 -6.35 -14.03
C ASN B 241 22.71 -7.13 -12.86
N ALA B 242 21.37 -7.13 -12.78
CA ALA B 242 20.70 -7.80 -11.67
C ALA B 242 21.05 -9.28 -11.59
N GLU B 243 21.31 -9.92 -12.74
CA GLU B 243 21.61 -11.35 -12.70
C GLU B 243 22.93 -11.67 -12.01
N SER B 244 23.74 -10.67 -11.69
CA SER B 244 24.96 -10.91 -10.91
C SER B 244 24.76 -10.67 -9.41
N TRP B 245 23.56 -10.24 -9.00
CA TRP B 245 23.24 -10.10 -7.58
C TRP B 245 22.80 -11.47 -7.07
N PRO B 246 23.59 -12.09 -6.20
CA PRO B 246 23.26 -13.44 -5.72
C PRO B 246 22.01 -13.44 -4.86
N VAL B 247 21.50 -14.65 -4.65
CA VAL B 247 20.48 -14.94 -3.65
C VAL B 247 21.15 -15.75 -2.55
N VAL B 248 20.89 -15.39 -1.29
CA VAL B 248 21.42 -16.11 -0.14
C VAL B 248 20.25 -16.62 0.68
N GLY B 249 20.29 -17.90 1.01
CA GLY B 249 19.31 -18.49 1.90
C GLY B 249 20.05 -19.20 3.01
N GLN B 250 19.52 -19.07 4.22
CA GLN B 250 20.22 -19.49 5.44
C GLN B 250 19.18 -20.07 6.39
N PHE B 251 19.36 -21.31 6.82
CA PHE B 251 18.25 -22.03 7.44
C PHE B 251 18.79 -23.08 8.40
N SER B 252 17.89 -23.68 9.17
CA SER B 252 18.27 -24.69 10.14
C SER B 252 17.74 -26.07 9.82
N SER B 253 16.98 -26.24 8.73
CA SER B 253 16.45 -27.54 8.38
C SER B 253 16.12 -27.55 6.90
N VAL B 254 16.11 -28.74 6.31
CA VAL B 254 15.96 -28.94 4.87
C VAL B 254 14.91 -30.02 4.64
N GLY B 255 13.94 -29.74 3.76
CA GLY B 255 12.97 -30.74 3.35
C GLY B 255 13.40 -31.45 2.08
N SER B 256 12.54 -32.35 1.63
N SER B 256 12.54 -32.36 1.63
CA SER B 256 12.77 -33.07 0.38
CA SER B 256 12.75 -33.07 0.37
C SER B 256 12.45 -32.15 -0.78
C SER B 256 12.45 -32.13 -0.78
N LEU B 257 13.46 -31.78 -1.57
CA LEU B 257 13.31 -30.82 -2.65
C LEU B 257 13.15 -31.45 -4.03
N GLY B 258 13.34 -32.76 -4.16
CA GLY B 258 13.18 -33.45 -5.42
C GLY B 258 14.48 -34.05 -5.92
N ALA B 259 14.36 -34.73 -7.07
CA ALA B 259 15.47 -35.51 -7.61
C ALA B 259 16.58 -34.65 -8.19
N ASP B 260 16.31 -33.40 -8.54
CA ASP B 260 17.33 -32.48 -8.99
C ASP B 260 16.83 -31.06 -8.77
N GLU B 261 17.67 -30.10 -9.13
CA GLU B 261 17.38 -28.70 -8.78
C GLU B 261 16.25 -28.10 -9.60
N SER B 262 15.91 -28.71 -10.73
CA SER B 262 14.84 -28.17 -11.57
C SER B 262 13.46 -28.53 -11.07
N LYS B 263 13.34 -29.44 -10.10
CA LYS B 263 12.01 -29.85 -9.67
C LYS B 263 11.32 -28.81 -8.79
N TRP B 264 12.08 -27.94 -8.14
CA TRP B 264 11.50 -26.93 -7.26
C TRP B 264 12.49 -25.84 -6.91
N LEU B 265 13.70 -26.24 -6.49
CA LEU B 265 14.64 -25.28 -5.91
C LEU B 265 14.94 -24.14 -6.89
N CYS B 266 15.52 -24.47 -8.03
CA CYS B 266 15.88 -23.44 -9.00
C CYS B 266 14.75 -23.11 -9.95
N SER B 267 13.77 -24.01 -10.11
CA SER B 267 12.64 -23.69 -10.96
C SER B 267 11.80 -22.63 -10.27
N GLU B 268 11.04 -22.99 -9.24
CA GLU B 268 10.07 -22.04 -8.71
C GLU B 268 10.52 -21.29 -7.46
N PHE B 269 11.32 -21.90 -6.57
CA PHE B 269 11.77 -21.19 -5.38
C PHE B 269 12.74 -20.07 -5.74
N LYS B 270 13.81 -20.40 -6.47
CA LYS B 270 14.77 -19.38 -6.88
C LYS B 270 14.10 -18.33 -7.77
N GLU B 271 13.11 -18.73 -8.58
CA GLU B 271 12.44 -17.79 -9.46
C GLU B 271 11.75 -16.69 -8.67
N SER B 272 11.05 -17.06 -7.58
CA SER B 272 10.47 -16.05 -6.70
C SER B 272 11.54 -15.17 -6.09
N MET B 273 12.62 -15.78 -5.58
CA MET B 273 13.63 -15.04 -4.85
C MET B 273 14.38 -14.05 -5.72
N LEU B 274 14.51 -14.30 -7.03
CA LEU B 274 15.28 -13.37 -7.85
C LEU B 274 14.41 -12.31 -8.51
N THR B 275 13.11 -12.33 -8.26
CA THR B 275 12.22 -11.30 -8.78
C THR B 275 12.61 -9.91 -8.25
N LEU B 276 12.63 -8.92 -9.15
CA LEU B 276 12.82 -7.51 -8.81
C LEU B 276 12.05 -6.68 -9.82
N GLY B 277 11.13 -5.84 -9.35
CA GLY B 277 10.42 -4.94 -10.25
C GLY B 277 9.38 -5.65 -11.11
N LYS B 278 8.71 -4.84 -11.95
CA LYS B 278 7.51 -5.30 -12.63
C LYS B 278 7.75 -5.84 -14.03
N GLU B 279 8.90 -5.53 -14.63
CA GLU B 279 9.15 -5.90 -16.02
C GLU B 279 9.76 -7.29 -16.09
N SER B 280 9.25 -8.11 -17.01
CA SER B 280 9.60 -9.54 -17.12
C SER B 280 11.03 -9.79 -17.57
N SER B 286 18.03 -19.28 -15.35
CA SER B 286 18.66 -18.08 -14.79
C SER B 286 20.11 -18.32 -14.35
N SER B 287 20.92 -17.28 -14.50
CA SER B 287 22.35 -17.32 -14.17
C SER B 287 22.65 -16.80 -12.76
N VAL B 288 21.62 -16.47 -11.98
CA VAL B 288 21.85 -15.86 -10.66
C VAL B 288 22.51 -16.87 -9.74
N PRO B 289 23.59 -16.52 -9.05
CA PRO B 289 24.21 -17.44 -8.09
C PRO B 289 23.34 -17.62 -6.85
N LEU B 290 23.24 -18.85 -6.37
CA LEU B 290 22.44 -19.20 -5.19
C LEU B 290 23.36 -19.76 -4.12
N TYR B 291 23.46 -19.05 -2.99
CA TYR B 291 24.27 -19.47 -1.83
C TYR B 291 23.33 -19.96 -0.74
N LEU B 292 23.51 -21.20 -0.29
CA LEU B 292 22.72 -21.74 0.82
C LEU B 292 23.66 -21.98 2.00
N ILE B 293 23.34 -21.37 3.13
CA ILE B 293 24.17 -21.44 4.34
C ILE B 293 23.52 -22.42 5.30
N TYR B 294 24.26 -23.49 5.63
CA TYR B 294 23.72 -24.52 6.55
C TYR B 294 24.90 -25.17 7.24
N PRO B 295 24.86 -25.33 8.57
CA PRO B 295 26.04 -25.82 9.31
C PRO B 295 26.58 -27.14 8.79
N SER B 296 27.92 -27.22 8.69
CA SER B 296 28.59 -28.48 8.42
C SER B 296 28.62 -29.31 9.70
N VAL B 297 28.99 -30.58 9.56
CA VAL B 297 29.25 -31.39 10.73
C VAL B 297 30.32 -30.73 11.60
N GLU B 298 31.36 -30.20 10.96
N GLU B 298 31.38 -30.20 10.97
CA GLU B 298 32.45 -29.55 11.69
CA GLU B 298 32.44 -29.57 11.75
C GLU B 298 31.97 -28.31 12.46
C GLU B 298 31.95 -28.31 12.48
N ASN B 299 31.09 -27.51 11.84
CA ASN B 299 30.52 -26.34 12.51
C ASN B 299 29.83 -26.76 13.81
N VAL B 300 29.03 -27.81 13.73
CA VAL B 300 28.31 -28.33 14.89
C VAL B 300 29.29 -28.92 15.90
N ARG B 301 30.21 -29.75 15.42
CA ARG B 301 31.11 -30.47 16.32
C ARG B 301 31.86 -29.52 17.24
N THR B 302 32.33 -28.38 16.72
CA THR B 302 33.08 -27.43 17.52
C THR B 302 32.24 -26.26 17.99
N SER B 303 30.91 -26.37 17.96
CA SER B 303 30.04 -25.30 18.43
C SER B 303 30.14 -25.17 19.95
N LEU B 304 29.54 -24.09 20.45
CA LEU B 304 29.42 -23.89 21.88
C LEU B 304 28.72 -25.06 22.55
N GLU B 305 27.72 -25.62 21.88
CA GLU B 305 26.98 -26.76 22.42
C GLU B 305 27.59 -28.10 22.05
N GLY B 306 28.42 -28.14 21.02
CA GLY B 306 28.89 -29.42 20.52
C GLY B 306 27.79 -30.09 19.71
N TYR B 307 27.87 -31.42 19.66
CA TYR B 307 26.91 -32.17 18.86
C TYR B 307 25.46 -31.92 19.26
N PRO B 308 25.11 -31.72 20.54
CA PRO B 308 23.69 -31.49 20.85
C PRO B 308 23.10 -30.28 20.15
N ALA B 309 23.91 -29.36 19.62
CA ALA B 309 23.35 -28.31 18.78
C ALA B 309 22.61 -28.91 17.59
N GLY B 310 23.05 -30.06 17.10
CA GLY B 310 22.45 -30.69 15.95
C GLY B 310 21.08 -31.28 16.19
N GLY B 311 20.63 -31.37 17.45
CA GLY B 311 19.26 -31.73 17.71
C GLY B 311 18.29 -30.67 17.26
N SER B 312 18.77 -29.44 17.03
CA SER B 312 17.95 -28.35 16.52
C SER B 312 18.28 -28.02 15.08
N LEU B 313 18.94 -28.94 14.38
CA LEU B 313 19.20 -28.85 12.93
C LEU B 313 18.66 -30.11 12.27
N PRO B 314 17.33 -30.26 12.14
CA PRO B 314 16.76 -31.58 11.81
C PRO B 314 16.73 -31.90 10.32
N TYR B 315 17.91 -32.18 9.79
CA TYR B 315 18.10 -32.71 8.44
C TYR B 315 18.32 -34.22 8.57
N SER B 316 17.42 -35.00 7.99
CA SER B 316 17.42 -36.44 8.18
C SER B 316 18.13 -37.15 7.03
N ILE B 317 18.76 -38.29 7.35
CA ILE B 317 19.53 -39.00 6.34
C ILE B 317 18.65 -39.49 5.20
N GLN B 318 17.39 -39.83 5.49
CA GLN B 318 16.48 -40.27 4.44
C GLN B 318 16.17 -39.15 3.47
N THR B 319 15.96 -37.95 3.98
CA THR B 319 15.80 -36.79 3.11
C THR B 319 17.10 -36.49 2.35
N ALA B 320 18.23 -36.48 3.06
CA ALA B 320 19.48 -36.02 2.46
C ALA B 320 19.97 -36.96 1.36
N GLU B 321 19.89 -38.28 1.58
CA GLU B 321 20.46 -39.19 0.60
C GLU B 321 19.70 -39.14 -0.72
N LYS B 322 18.45 -38.68 -0.70
CA LYS B 322 17.67 -38.54 -1.93
C LYS B 322 18.07 -37.32 -2.75
N GLN B 323 18.92 -36.44 -2.23
CA GLN B 323 19.17 -35.15 -2.88
C GLN B 323 20.61 -34.69 -2.62
N ASN B 324 21.58 -35.57 -2.86
CA ASN B 324 22.97 -35.14 -2.68
C ASN B 324 23.37 -34.06 -3.67
N TRP B 325 22.60 -33.87 -4.76
CA TRP B 325 22.85 -32.75 -5.64
C TRP B 325 22.79 -31.42 -4.90
N LEU B 326 21.97 -31.34 -3.85
CA LEU B 326 21.74 -30.08 -3.16
C LEU B 326 22.98 -29.58 -2.45
N HIS B 327 23.86 -30.51 -2.03
CA HIS B 327 24.92 -30.15 -1.12
C HIS B 327 26.03 -29.35 -1.78
N SER B 328 26.11 -29.36 -3.11
N SER B 328 26.12 -29.36 -3.12
CA SER B 328 27.03 -28.47 -3.83
CA SER B 328 27.04 -28.48 -3.81
C SER B 328 26.68 -27.01 -3.65
C SER B 328 26.67 -27.00 -3.66
N TYR B 329 25.48 -26.70 -3.15
CA TYR B 329 25.05 -25.34 -2.89
C TYR B 329 25.41 -24.87 -1.48
N PHE B 330 25.92 -25.75 -0.63
CA PHE B 330 25.99 -25.48 0.80
C PHE B 330 27.26 -24.74 1.18
N HIS B 331 27.10 -23.76 2.06
CA HIS B 331 28.16 -22.91 2.58
C HIS B 331 28.16 -23.01 4.09
N LYS B 332 29.36 -22.91 4.68
CA LYS B 332 29.52 -23.02 6.12
C LYS B 332 28.83 -21.88 6.85
N TRP B 333 28.46 -22.14 8.11
CA TRP B 333 28.07 -21.08 9.03
C TRP B 333 29.31 -20.36 9.52
N SER B 334 29.33 -19.05 9.37
CA SER B 334 30.41 -18.22 9.87
C SER B 334 29.80 -16.88 10.27
N ALA B 335 30.09 -16.43 11.48
CA ALA B 335 29.49 -15.20 11.98
C ALA B 335 30.47 -14.41 12.85
N GLU B 336 31.70 -14.24 12.37
CA GLU B 336 32.67 -13.42 13.10
C GLU B 336 32.12 -12.02 13.34
N THR B 337 31.37 -11.46 12.38
CA THR B 337 30.83 -10.11 12.52
C THR B 337 30.02 -9.93 13.80
N SER B 338 29.30 -10.96 14.23
CA SER B 338 28.52 -10.89 15.46
C SER B 338 29.10 -11.77 16.57
N GLY B 339 30.32 -12.27 16.40
CA GLY B 339 30.92 -13.10 17.45
C GLY B 339 30.25 -14.46 17.62
N ARG B 340 29.58 -14.96 16.59
CA ARG B 340 28.65 -16.08 16.74
C ARG B 340 28.96 -17.27 15.84
N SER B 341 30.20 -17.40 15.34
CA SER B 341 30.51 -18.57 14.52
C SER B 341 30.32 -19.88 15.27
N ASN B 342 30.38 -19.87 16.60
CA ASN B 342 30.19 -21.08 17.40
C ASN B 342 28.80 -21.18 18.00
N ALA B 343 27.92 -20.24 17.68
CA ALA B 343 26.53 -20.27 18.14
C ALA B 343 25.67 -20.72 16.96
N MET B 344 25.29 -21.99 16.94
CA MET B 344 24.67 -22.56 15.76
C MET B 344 23.39 -21.83 15.41
N PRO B 345 23.08 -21.67 14.11
CA PRO B 345 21.91 -20.88 13.72
C PRO B 345 20.61 -21.64 13.89
N HIS B 346 19.65 -21.00 14.55
CA HIS B 346 18.24 -21.38 14.43
C HIS B 346 17.42 -20.27 13.79
N ILE B 347 18.01 -19.07 13.63
CA ILE B 347 17.46 -18.05 12.73
C ILE B 347 17.36 -18.60 11.30
N LYS B 348 16.39 -18.07 10.54
CA LYS B 348 16.37 -18.26 9.09
C LYS B 348 16.34 -16.89 8.44
N THR B 349 17.16 -16.69 7.41
CA THR B 349 17.21 -15.41 6.70
C THR B 349 17.38 -15.67 5.22
N TYR B 350 16.88 -14.73 4.43
CA TYR B 350 17.02 -14.78 2.99
C TYR B 350 17.30 -13.36 2.55
N MET B 351 18.20 -13.18 1.59
CA MET B 351 18.54 -11.82 1.21
C MET B 351 19.15 -11.82 -0.17
N ARG B 352 19.36 -10.61 -0.69
CA ARG B 352 19.76 -10.42 -2.09
C ARG B 352 20.90 -9.43 -2.13
N PRO B 353 22.13 -9.87 -1.89
CA PRO B 353 23.27 -8.94 -1.86
C PRO B 353 23.73 -8.55 -3.25
N SER B 354 24.52 -7.48 -3.29
CA SER B 354 25.18 -7.05 -4.51
C SER B 354 26.31 -8.03 -4.84
N PRO B 355 26.90 -7.92 -6.04
CA PRO B 355 27.95 -8.88 -6.42
C PRO B 355 29.18 -8.86 -5.52
N ASP B 356 29.49 -7.72 -4.90
CA ASP B 356 30.59 -7.66 -3.95
C ASP B 356 30.10 -7.71 -2.50
N PHE B 357 28.83 -8.07 -2.27
CA PHE B 357 28.25 -8.25 -0.95
C PHE B 357 28.34 -6.99 -0.08
N SER B 358 28.54 -5.82 -0.69
CA SER B 358 28.58 -4.59 0.09
C SER B 358 27.19 -4.01 0.33
N LYS B 359 26.22 -4.35 -0.50
CA LYS B 359 24.84 -3.86 -0.41
C LYS B 359 23.89 -5.02 -0.47
N ILE B 360 22.63 -4.77 -0.06
CA ILE B 360 21.57 -5.76 -0.27
C ILE B 360 20.30 -5.09 -0.79
N ALA B 361 19.60 -5.80 -1.67
CA ALA B 361 18.37 -5.26 -2.21
C ALA B 361 17.18 -5.50 -1.29
N TRP B 362 17.29 -6.46 -0.37
CA TRP B 362 16.25 -6.75 0.60
C TRP B 362 16.77 -7.81 1.57
N PHE B 363 16.06 -7.97 2.69
CA PHE B 363 16.44 -8.88 3.76
C PHE B 363 15.16 -9.38 4.42
N LEU B 364 15.08 -10.70 4.61
CA LEU B 364 13.95 -11.35 5.23
C LEU B 364 14.44 -12.18 6.40
N VAL B 365 13.81 -12.04 7.57
CA VAL B 365 14.02 -12.96 8.69
C VAL B 365 12.69 -13.67 8.91
N THR B 366 12.75 -15.00 9.06
CA THR B 366 11.51 -15.79 9.01
C THR B 366 11.70 -17.10 9.77
N SER B 367 10.58 -17.78 10.02
CA SER B 367 10.62 -19.16 10.53
C SER B 367 10.79 -20.18 9.43
N ALA B 368 10.72 -19.78 8.17
CA ALA B 368 10.59 -20.71 7.05
C ALA B 368 11.93 -21.31 6.67
N ASN B 369 12.02 -22.64 6.79
CA ASN B 369 13.20 -23.36 6.38
C ASN B 369 13.16 -23.62 4.88
N LEU B 370 14.18 -24.32 4.38
CA LEU B 370 14.30 -24.64 2.97
C LEU B 370 13.47 -25.89 2.67
N SER B 371 12.17 -25.69 2.50
CA SER B 371 11.26 -26.82 2.29
C SER B 371 10.04 -26.36 1.51
N LYS B 372 9.48 -27.29 0.73
CA LYS B 372 8.22 -27.03 0.04
C LYS B 372 7.07 -26.87 1.03
N ALA B 373 7.12 -27.57 2.17
CA ALA B 373 6.06 -27.42 3.16
C ALA B 373 5.97 -26.00 3.66
N ALA B 374 7.12 -25.33 3.77
CA ALA B 374 7.16 -23.99 4.35
C ALA B 374 6.82 -22.92 3.32
N TRP B 375 7.36 -23.06 2.11
CA TRP B 375 7.30 -22.02 1.11
C TRP B 375 6.22 -22.24 0.06
N GLY B 376 5.70 -23.45 -0.04
CA GLY B 376 4.69 -23.81 -1.02
C GLY B 376 5.28 -24.46 -2.24
N ALA B 377 4.49 -25.34 -2.87
CA ALA B 377 4.85 -25.99 -4.13
C ALA B 377 3.66 -25.93 -5.07
N LEU B 378 3.94 -25.65 -6.34
CA LEU B 378 2.88 -25.53 -7.34
C LEU B 378 2.29 -26.89 -7.69
N GLU B 379 0.97 -26.93 -7.84
CA GLU B 379 0.22 -28.13 -8.22
C GLU B 379 -0.74 -27.81 -9.35
N LYS B 380 -1.24 -28.87 -9.98
CA LYS B 380 -2.25 -28.78 -11.03
C LYS B 380 -1.77 -27.86 -12.17
N ASN B 381 -0.64 -28.23 -12.76
CA ASN B 381 0.06 -27.48 -13.81
C ASN B 381 0.10 -25.98 -13.49
N GLY B 382 0.74 -25.65 -12.38
CA GLY B 382 1.04 -24.26 -12.05
C GLY B 382 -0.13 -23.42 -11.59
N THR B 383 -1.27 -24.03 -11.27
CA THR B 383 -2.49 -23.29 -10.96
C THR B 383 -2.75 -23.16 -9.46
N GLN B 384 -2.18 -24.04 -8.65
CA GLN B 384 -2.48 -24.12 -7.22
C GLN B 384 -1.17 -24.15 -6.45
N LEU B 385 -1.05 -23.28 -5.44
CA LEU B 385 0.09 -23.27 -4.54
C LEU B 385 -0.34 -24.00 -3.27
N MET B 386 0.29 -25.15 -3.03
CA MET B 386 0.00 -25.96 -1.85
C MET B 386 1.04 -25.68 -0.77
N ILE B 387 0.56 -25.35 0.42
CA ILE B 387 1.38 -25.05 1.60
C ILE B 387 0.91 -25.95 2.74
N ARG B 388 1.85 -26.57 3.45
CA ARG B 388 1.49 -27.47 4.54
C ARG B 388 1.54 -26.82 5.91
N SER B 389 2.31 -25.75 6.09
CA SER B 389 2.69 -25.29 7.42
C SER B 389 2.34 -23.83 7.64
N TYR B 390 2.34 -23.44 8.92
CA TYR B 390 2.31 -22.04 9.31
C TYR B 390 3.72 -21.51 9.46
N GLU B 391 4.04 -20.41 8.77
CA GLU B 391 5.33 -19.75 8.86
C GLU B 391 5.11 -18.25 8.91
N LEU B 392 6.09 -17.51 9.43
CA LEU B 392 5.94 -16.06 9.45
C LEU B 392 7.31 -15.38 9.50
N GLY B 393 7.46 -14.32 8.72
CA GLY B 393 8.68 -13.52 8.68
C GLY B 393 8.34 -12.09 8.31
N VAL B 394 9.34 -11.21 8.42
CA VAL B 394 9.19 -9.81 8.06
C VAL B 394 10.26 -9.46 7.03
N LEU B 395 9.85 -8.69 6.03
CA LEU B 395 10.71 -8.32 4.92
C LEU B 395 11.09 -6.85 5.04
N PHE B 396 12.39 -6.59 4.94
CA PHE B 396 12.96 -5.26 4.92
C PHE B 396 13.22 -4.89 3.47
N LEU B 397 12.51 -3.87 2.97
CA LEU B 397 12.72 -3.40 1.62
C LEU B 397 13.25 -1.98 1.65
N PRO B 398 14.30 -1.68 0.87
CA PRO B 398 14.86 -0.32 0.90
C PRO B 398 13.83 0.77 0.64
N SER B 399 12.89 0.54 -0.29
CA SER B 399 11.86 1.54 -0.57
C SER B 399 11.05 1.91 0.66
N ALA B 400 10.87 0.97 1.60
CA ALA B 400 10.08 1.27 2.78
C ALA B 400 10.81 2.20 3.74
N PHE B 401 12.11 2.42 3.50
CA PHE B 401 12.91 3.32 4.31
C PHE B 401 13.41 4.51 3.50
N GLY B 402 12.84 4.73 2.32
CA GLY B 402 13.27 5.83 1.47
C GLY B 402 14.66 5.65 0.88
N LEU B 403 15.06 4.40 0.62
CA LEU B 403 16.38 4.09 0.13
C LEU B 403 16.27 3.25 -1.13
N ASP B 404 17.36 3.19 -1.89
CA ASP B 404 17.39 2.31 -3.05
C ASP B 404 18.01 0.97 -2.73
N SER B 405 18.89 0.92 -1.73
CA SER B 405 19.47 -0.31 -1.24
C SER B 405 19.91 -0.10 0.19
N PHE B 406 20.26 -1.19 0.86
CA PHE B 406 20.84 -1.15 2.19
C PHE B 406 22.34 -1.39 2.09
N LYS B 407 23.12 -0.58 2.80
N LYS B 407 23.11 -0.59 2.83
CA LYS B 407 24.52 -0.90 3.02
CA LYS B 407 24.52 -0.88 3.03
C LYS B 407 24.61 -1.98 4.08
C LYS B 407 24.67 -1.92 4.13
N VAL B 408 25.55 -2.90 3.92
CA VAL B 408 25.71 -3.99 4.88
C VAL B 408 26.57 -3.50 6.04
N LYS B 409 26.07 -3.68 7.27
CA LYS B 409 26.83 -3.30 8.45
C LYS B 409 28.09 -4.13 8.59
N GLN B 410 29.24 -3.48 8.74
CA GLN B 410 30.49 -4.22 8.63
C GLN B 410 30.79 -5.04 9.87
N LYS B 411 30.54 -4.49 11.05
CA LYS B 411 30.54 -5.25 12.31
C LYS B 411 29.17 -5.10 12.96
N PHE B 412 28.52 -6.23 13.26
CA PHE B 412 27.09 -6.25 13.59
C PHE B 412 26.76 -5.35 14.78
N PHE B 413 27.64 -5.29 15.78
CA PHE B 413 27.36 -4.53 16.99
C PHE B 413 28.07 -3.16 17.01
N ALA B 414 28.59 -2.71 15.88
CA ALA B 414 29.34 -1.48 15.80
C ALA B 414 28.42 -0.29 15.48
N GLY B 415 29.03 0.84 15.15
CA GLY B 415 28.29 2.04 14.79
C GLY B 415 28.25 2.28 13.29
N PRO B 419 26.26 6.00 8.92
CA PRO B 419 24.83 6.32 8.91
C PRO B 419 23.96 5.08 9.11
N MET B 420 23.16 5.06 10.18
CA MET B 420 22.39 3.87 10.53
C MET B 420 21.31 3.51 9.49
N ALA B 421 21.47 3.93 8.24
CA ALA B 421 20.74 3.34 7.12
C ALA B 421 21.50 2.11 6.63
N THR B 422 22.09 1.41 7.59
CA THR B 422 23.05 0.34 7.36
C THR B 422 22.46 -0.92 7.99
N PHE B 423 22.32 -2.02 7.17
CA PHE B 423 21.53 -3.12 7.73
C PHE B 423 22.44 -4.13 8.42
N PRO B 424 22.08 -4.54 9.64
CA PRO B 424 22.90 -5.49 10.43
C PRO B 424 22.70 -6.95 10.03
N VAL B 425 23.40 -7.37 8.98
CA VAL B 425 23.46 -8.78 8.59
C VAL B 425 24.22 -9.54 9.66
N PRO B 426 23.66 -10.60 10.25
CA PRO B 426 24.27 -11.20 11.44
C PRO B 426 25.36 -12.23 11.17
N TYR B 427 25.62 -12.59 9.92
CA TYR B 427 26.69 -13.53 9.62
C TYR B 427 27.59 -12.94 8.56
N ASP B 428 28.67 -13.66 8.26
CA ASP B 428 29.74 -13.14 7.42
C ASP B 428 29.42 -13.27 5.94
N LEU B 429 29.84 -12.28 5.17
CA LEU B 429 29.77 -12.29 3.72
C LEU B 429 31.15 -12.03 3.15
N PRO B 430 31.48 -12.66 2.00
CA PRO B 430 30.67 -13.66 1.29
C PRO B 430 30.64 -14.98 2.03
N PRO B 431 29.61 -15.79 1.83
CA PRO B 431 29.58 -17.11 2.48
C PRO B 431 30.69 -17.99 1.91
N GLU B 432 31.22 -18.86 2.76
CA GLU B 432 32.33 -19.74 2.38
C GLU B 432 31.80 -21.12 2.01
N LEU B 433 32.17 -21.59 0.83
CA LEU B 433 31.75 -22.90 0.38
C LEU B 433 32.31 -24.00 1.29
N TYR B 434 31.53 -25.07 1.46
CA TYR B 434 32.04 -26.27 2.12
C TYR B 434 33.36 -26.71 1.50
N GLY B 435 34.23 -27.27 2.34
CA GLY B 435 35.44 -27.90 1.83
C GLY B 435 35.18 -29.31 1.32
N SER B 436 36.18 -29.85 0.62
CA SER B 436 36.06 -31.18 0.01
C SER B 436 35.66 -32.25 1.01
N LYS B 437 36.09 -32.11 2.27
CA LYS B 437 35.78 -33.12 3.28
C LYS B 437 34.59 -32.74 4.16
N ASP B 438 34.01 -31.56 3.95
CA ASP B 438 32.85 -31.15 4.73
C ASP B 438 31.61 -31.93 4.31
N ARG B 439 30.70 -32.10 5.25
CA ARG B 439 29.42 -32.74 4.98
C ARG B 439 28.34 -31.95 5.70
N PRO B 440 27.14 -31.89 5.14
CA PRO B 440 26.05 -31.21 5.86
C PRO B 440 25.77 -31.93 7.17
N TRP B 441 25.41 -31.17 8.19
CA TRP B 441 24.95 -31.80 9.41
C TRP B 441 23.68 -32.60 9.15
N ILE B 442 23.71 -33.88 9.51
CA ILE B 442 22.56 -34.75 9.37
C ILE B 442 22.29 -35.33 10.75
N TRP B 443 21.08 -35.08 11.27
CA TRP B 443 20.91 -35.16 12.71
C TRP B 443 20.72 -36.59 13.22
N ASN B 444 20.33 -37.52 12.37
CA ASN B 444 19.97 -38.86 12.84
C ASN B 444 20.93 -39.94 12.35
N ILE B 445 22.20 -39.60 12.17
CA ILE B 445 23.26 -40.60 12.02
C ILE B 445 24.29 -40.33 13.13
N PRO B 446 25.14 -41.29 13.43
CA PRO B 446 26.11 -41.09 14.52
C PRO B 446 27.40 -40.43 14.05
N TYR B 447 27.98 -39.66 14.97
CA TYR B 447 29.31 -39.07 14.79
C TYR B 447 30.18 -39.57 15.94
N VAL B 448 31.02 -40.55 15.67
CA VAL B 448 31.76 -41.24 16.72
C VAL B 448 33.27 -41.22 16.49
N LYS B 449 33.77 -40.57 15.45
CA LYS B 449 35.20 -40.61 15.22
C LYS B 449 35.90 -39.38 15.76
N ALA B 450 35.17 -38.31 16.04
CA ALA B 450 35.81 -37.13 16.60
C ALA B 450 34.96 -36.55 17.71
N PRO B 451 35.50 -36.40 18.92
CA PRO B 451 34.73 -35.82 20.02
C PRO B 451 34.44 -34.36 19.78
N ASP B 452 33.38 -33.86 20.43
CA ASP B 452 32.98 -32.49 20.22
C ASP B 452 33.58 -31.59 21.28
N THR B 453 33.08 -30.35 21.32
CA THR B 453 33.51 -29.33 22.28
C THR B 453 33.56 -29.83 23.71
N HIS B 454 32.66 -30.73 24.08
CA HIS B 454 32.53 -31.19 25.45
C HIS B 454 33.04 -32.62 25.63
N GLY B 455 33.77 -33.13 24.66
CA GLY B 455 34.36 -34.44 24.76
C GLY B 455 33.43 -35.58 24.41
N ASN B 456 32.27 -35.29 23.82
CA ASN B 456 31.22 -36.27 23.60
C ASN B 456 31.14 -36.68 22.14
N MET B 457 30.59 -37.88 21.94
CA MET B 457 30.17 -38.34 20.63
C MET B 457 28.66 -38.15 20.49
N TRP B 458 28.16 -38.34 19.27
CA TRP B 458 26.74 -38.20 18.95
C TRP B 458 26.21 -39.54 18.48
N VAL B 459 25.27 -40.10 19.23
CA VAL B 459 24.63 -41.36 18.88
C VAL B 459 23.13 -41.17 19.02
N PRO B 460 22.40 -40.91 17.91
CA PRO B 460 20.97 -40.58 17.93
C PRO B 460 20.11 -41.69 18.53
#